data_1LUR
#
_entry.id   1LUR
#
_cell.length_a   50.808
_cell.length_b   91.007
_cell.length_c   83.701
_cell.angle_alpha   90.00
_cell.angle_beta   100.67
_cell.angle_gamma   90.00
#
_symmetry.space_group_name_H-M   'P 1 21 1'
#
loop_
_entity.id
_entity.type
_entity.pdbx_description
1 polymer 'aldose 1-epimerase'
2 non-polymer 'SULFATE ION'
3 water water
#
_entity_poly.entity_id   1
_entity_poly.type   'polypeptide(L)'
_entity_poly.pdbx_seq_one_letter_code
;(MSE)SHHHHHHS(MSE)ASGFIEIANKQGLTATLLPFGATLAKLTFPDKNGKNQDLVLGFDTIDEFEKDAASIGKTVGR
VANRIKNSTLHFDGKQYT(MSE)TPNNGPHYLHGGPNGLGYRKWEVVRHAPESVSFSVRANEQDDGLPGDAKIDVTYTVN
DRNQLIIEHHATCDTPGLLALTNHAYWNLDGSDTVAEHFLE(MSE)EADEFVEVDDTFCPTGAIRSVTDTGFDFRSGKQL
KESGKDAEELLDLDNDLVITKKTPPSTPSTYLRFWSEKSGIELSITTSYPVIHLYASKFLDCKGKKGEHYKANKALAIEP
QFHSAAPNFDHFPDVSLRPGDHYCQEIVYTFSHVN
;
_entity_poly.pdbx_strand_id   A,B
#
# COMPACT_ATOMS: atom_id res chain seq x y z
N ALA A 11 -1.66 -15.73 27.74
CA ALA A 11 -1.18 -15.40 26.36
C ALA A 11 -1.15 -13.89 26.16
N SER A 12 -0.46 -13.45 25.11
CA SER A 12 -0.35 -12.03 24.79
C SER A 12 -0.96 -11.78 23.41
N GLY A 13 -0.37 -10.87 22.65
CA GLY A 13 -0.89 -10.58 21.32
C GLY A 13 -0.19 -9.45 20.61
N PHE A 14 -0.17 -9.51 19.29
CA PHE A 14 0.45 -8.48 18.47
C PHE A 14 -0.21 -7.14 18.74
N ILE A 15 0.60 -6.09 18.77
CA ILE A 15 0.09 -4.75 19.01
C ILE A 15 0.45 -3.92 17.78
N GLU A 16 -0.54 -3.24 17.22
CA GLU A 16 -0.29 -2.42 16.04
C GLU A 16 -0.37 -0.93 16.28
N ILE A 17 0.52 -0.19 15.60
CA ILE A 17 0.58 1.25 15.70
C ILE A 17 0.76 1.74 14.27
N ALA A 18 0.34 2.97 13.99
CA ALA A 18 0.48 3.48 12.63
C ALA A 18 0.25 4.98 12.53
N ASN A 19 0.75 5.57 11.47
CA ASN A 19 0.56 7.00 11.29
C ASN A 19 -0.57 7.16 10.27
N LYS A 20 -0.72 8.35 9.71
CA LYS A 20 -1.78 8.58 8.74
C LYS A 20 -1.33 8.56 7.28
N GLN A 21 -0.06 8.20 7.03
CA GLN A 21 0.44 8.15 5.67
C GLN A 21 0.77 6.77 5.10
N GLY A 22 0.34 5.71 5.78
CA GLY A 22 0.62 4.38 5.28
C GLY A 22 1.80 3.65 5.89
N LEU A 23 2.18 4.03 7.11
CA LEU A 23 3.28 3.38 7.82
C LEU A 23 2.68 2.66 9.01
N THR A 24 2.88 1.35 9.07
CA THR A 24 2.35 0.58 10.18
C THR A 24 3.44 -0.30 10.80
N ALA A 25 3.39 -0.45 12.11
CA ALA A 25 4.36 -1.26 12.83
C ALA A 25 3.62 -2.18 13.78
N THR A 26 4.03 -3.44 13.82
CA THR A 26 3.39 -4.40 14.71
C THR A 26 4.41 -4.87 15.73
N LEU A 27 4.09 -4.70 17.01
CA LEU A 27 4.98 -5.10 18.08
C LEU A 27 4.46 -6.30 18.86
N LEU A 28 5.35 -6.93 19.61
CA LEU A 28 4.98 -8.10 20.41
C LEU A 28 5.63 -7.94 21.79
N PRO A 29 4.83 -8.04 22.86
CA PRO A 29 5.31 -7.89 24.23
C PRO A 29 6.49 -8.81 24.50
N PHE A 30 6.47 -10.00 23.91
CA PHE A 30 7.55 -10.95 24.11
C PHE A 30 8.81 -10.44 23.44
N GLY A 31 9.83 -10.17 24.26
CA GLY A 31 11.08 -9.67 23.74
C GLY A 31 10.97 -8.26 23.20
N ALA A 32 9.87 -7.58 23.51
CA ALA A 32 9.64 -6.20 23.04
C ALA A 32 10.10 -6.17 21.58
N THR A 33 9.56 -7.12 20.82
CA THR A 33 9.86 -7.30 19.40
C THR A 33 9.11 -6.52 18.33
N LEU A 34 9.85 -6.16 17.29
CA LEU A 34 9.30 -5.41 16.16
C LEU A 34 8.93 -6.57 15.23
N ALA A 35 7.65 -6.95 15.25
CA ALA A 35 7.15 -8.05 14.43
C ALA A 35 7.01 -7.74 12.94
N LYS A 36 6.39 -6.61 12.62
CA LYS A 36 6.20 -6.23 11.22
C LYS A 36 6.34 -4.73 11.06
N LEU A 37 6.56 -4.31 9.83
CA LEU A 37 6.71 -2.90 9.47
C LEU A 37 6.37 -2.78 7.99
N THR A 38 5.14 -2.36 7.70
CA THR A 38 4.68 -2.21 6.33
C THR A 38 4.79 -0.77 5.82
N PHE A 39 5.15 -0.64 4.55
CA PHE A 39 5.30 0.67 3.92
C PHE A 39 5.14 0.51 2.42
N PRO A 40 4.31 1.35 1.77
CA PRO A 40 4.11 1.24 0.34
C PRO A 40 5.37 1.49 -0.50
N ASP A 41 5.56 0.69 -1.54
CA ASP A 41 6.73 0.84 -2.40
C ASP A 41 6.47 1.93 -3.45
N LYS A 42 7.37 2.04 -4.41
CA LYS A 42 7.24 3.03 -5.47
C LYS A 42 5.97 2.81 -6.28
N ASN A 43 5.51 1.57 -6.32
CA ASN A 43 4.30 1.24 -7.06
C ASN A 43 3.08 1.32 -6.14
N GLY A 44 3.27 1.93 -4.97
CA GLY A 44 2.19 2.07 -4.02
C GLY A 44 1.74 0.77 -3.38
N LYS A 45 2.57 -0.27 -3.50
CA LYS A 45 2.24 -1.56 -2.92
C LYS A 45 2.89 -1.75 -1.54
N ASN A 46 2.08 -2.16 -0.57
CA ASN A 46 2.56 -2.38 0.79
C ASN A 46 3.58 -3.50 0.86
N GLN A 47 4.71 -3.21 1.52
CA GLN A 47 5.77 -4.19 1.66
C GLN A 47 6.19 -4.26 3.12
N ASP A 48 6.33 -5.47 3.64
CA ASP A 48 6.74 -5.66 5.02
C ASP A 48 8.25 -5.60 4.91
N LEU A 49 8.85 -4.60 5.55
CA LEU A 49 10.29 -4.42 5.52
C LEU A 49 11.13 -5.27 6.47
N VAL A 50 10.51 -5.97 7.41
CA VAL A 50 11.27 -6.80 8.34
C VAL A 50 10.83 -8.26 8.33
N LEU A 51 11.78 -9.16 8.55
CA LEU A 51 11.48 -10.59 8.57
C LEU A 51 10.67 -10.86 9.82
N GLY A 52 10.16 -12.09 9.95
CA GLY A 52 9.38 -12.43 11.11
C GLY A 52 8.61 -13.73 10.97
N PHE A 53 7.51 -13.83 11.71
CA PHE A 53 6.68 -15.02 11.68
C PHE A 53 5.20 -14.63 11.71
N ASP A 54 4.36 -15.46 11.12
CA ASP A 54 2.93 -15.19 11.08
C ASP A 54 2.23 -15.46 12.42
N THR A 55 2.86 -16.24 13.30
CA THR A 55 2.26 -16.55 14.60
C THR A 55 3.14 -16.13 15.78
N ILE A 56 2.50 -15.91 16.93
CA ILE A 56 3.20 -15.51 18.14
C ILE A 56 4.14 -16.60 18.65
N ASP A 57 3.64 -17.83 18.69
CA ASP A 57 4.44 -18.94 19.18
C ASP A 57 5.74 -19.10 18.39
N GLU A 58 5.68 -18.88 17.08
CA GLU A 58 6.88 -19.01 16.24
C GLU A 58 7.94 -18.02 16.69
N PHE A 59 7.50 -16.87 17.18
CA PHE A 59 8.41 -15.83 17.66
C PHE A 59 9.03 -16.29 18.96
N GLU A 60 8.21 -16.88 19.83
CA GLU A 60 8.67 -17.37 21.13
C GLU A 60 9.64 -18.53 20.98
N LYS A 61 9.67 -19.13 19.79
CA LYS A 61 10.55 -20.26 19.55
C LYS A 61 11.77 -19.86 18.71
N ASP A 62 11.74 -18.65 18.16
CA ASP A 62 12.85 -18.18 17.33
C ASP A 62 14.15 -18.10 18.12
N ALA A 63 15.28 -18.34 17.44
CA ALA A 63 16.59 -18.31 18.08
C ALA A 63 17.53 -17.35 17.37
N ALA A 64 17.05 -16.73 16.29
CA ALA A 64 17.85 -15.80 15.53
C ALA A 64 17.63 -14.34 15.97
N SER A 65 16.93 -14.15 17.08
CA SER A 65 16.65 -12.81 17.62
C SER A 65 16.00 -11.87 16.61
N ILE A 66 15.13 -12.42 15.76
CA ILE A 66 14.44 -11.63 14.75
C ILE A 66 13.56 -10.51 15.32
N GLY A 67 13.98 -9.27 15.10
CA GLY A 67 13.24 -8.11 15.58
C GLY A 67 13.18 -7.83 17.07
N LYS A 68 13.85 -8.65 17.87
CA LYS A 68 13.85 -8.47 19.31
C LYS A 68 14.62 -7.28 19.85
N THR A 69 14.31 -6.92 21.09
CA THR A 69 14.98 -5.83 21.77
C THR A 69 15.97 -6.72 22.53
N VAL A 70 17.27 -6.55 22.26
CA VAL A 70 18.30 -7.36 22.91
C VAL A 70 18.99 -6.69 24.10
N GLY A 71 19.23 -7.50 25.13
CA GLY A 71 19.89 -7.03 26.34
C GLY A 71 20.07 -8.22 27.29
N ARG A 72 20.66 -8.02 28.47
CA ARG A 72 21.14 -6.71 28.92
C ARG A 72 22.39 -6.20 28.25
N VAL A 73 23.08 -7.07 27.54
CA VAL A 73 24.29 -6.67 26.83
C VAL A 73 24.21 -7.30 25.46
N ALA A 74 24.03 -6.46 24.45
CA ALA A 74 23.93 -6.93 23.08
C ALA A 74 25.24 -7.54 22.60
N ASN A 75 25.10 -8.55 21.77
CA ASN A 75 26.23 -9.27 21.21
C ASN A 75 26.99 -10.10 22.23
N ARG A 76 28.28 -10.24 22.02
CA ARG A 76 29.10 -11.04 22.91
C ARG A 76 29.94 -10.50 24.06
N ILE A 77 30.05 -11.33 25.09
CA ILE A 77 30.83 -11.06 26.28
C ILE A 77 31.91 -12.12 26.02
N LYS A 78 33.12 -11.67 25.69
CA LYS A 78 34.22 -12.58 25.39
C LYS A 78 34.46 -13.65 26.44
N ASN A 79 34.37 -14.90 26.02
CA ASN A 79 34.57 -16.06 26.88
C ASN A 79 33.64 -16.12 28.08
N SER A 80 32.46 -15.53 27.93
CA SER A 80 31.48 -15.53 29.00
C SER A 80 32.00 -15.06 30.35
N THR A 81 33.00 -14.19 30.35
CA THR A 81 33.57 -13.68 31.59
C THR A 81 33.92 -12.21 31.45
N LEU A 82 33.75 -11.46 32.54
CA LEU A 82 34.07 -10.04 32.54
C LEU A 82 34.38 -9.61 33.97
N HIS A 83 34.95 -8.42 34.10
CA HIS A 83 35.28 -7.89 35.39
C HIS A 83 34.49 -6.60 35.55
N PHE A 84 33.75 -6.49 36.65
CA PHE A 84 32.95 -5.30 36.91
C PHE A 84 33.19 -4.81 38.33
N ASP A 85 33.68 -3.59 38.45
CA ASP A 85 33.94 -3.00 39.76
C ASP A 85 34.85 -3.90 40.63
N GLY A 86 35.89 -4.44 40.02
CA GLY A 86 36.83 -5.30 40.74
C GLY A 86 36.34 -6.69 41.07
N LYS A 87 35.20 -7.07 40.50
CA LYS A 87 34.64 -8.38 40.75
C LYS A 87 34.44 -9.13 39.44
N GLN A 88 34.80 -10.41 39.42
CA GLN A 88 34.64 -11.17 38.20
C GLN A 88 33.27 -11.84 38.10
N TYR A 89 32.68 -11.76 36.92
CA TYR A 89 31.37 -12.36 36.67
C TYR A 89 31.56 -13.38 35.57
N THR A 90 31.09 -14.59 35.82
CA THR A 90 31.20 -15.67 34.85
C THR A 90 29.83 -16.27 34.59
N THR A 92 27.24 -18.90 32.00
CA THR A 92 27.30 -20.19 31.32
C THR A 92 27.24 -19.87 29.83
N PRO A 93 28.25 -20.30 29.04
CA PRO A 93 28.27 -20.02 27.60
C PRO A 93 26.99 -20.49 26.91
N ASN A 94 26.51 -19.70 25.95
CA ASN A 94 25.29 -20.03 25.21
C ASN A 94 25.51 -19.93 23.70
N ASN A 95 26.69 -19.48 23.30
CA ASN A 95 27.04 -19.32 21.89
C ASN A 95 28.54 -19.52 21.80
N GLY A 96 28.95 -20.74 21.51
CA GLY A 96 30.36 -21.02 21.40
C GLY A 96 30.85 -20.83 22.83
N PRO A 97 32.07 -20.33 23.03
CA PRO A 97 32.57 -20.12 24.39
C PRO A 97 32.10 -18.77 24.97
N HIS A 98 31.42 -17.98 24.13
CA HIS A 98 30.93 -16.68 24.56
C HIS A 98 29.48 -16.63 25.07
N TYR A 99 29.11 -15.47 25.64
CA TYR A 99 27.77 -15.22 26.18
C TYR A 99 27.15 -14.20 25.25
N LEU A 100 26.22 -14.66 24.41
CA LEU A 100 25.54 -13.81 23.44
C LEU A 100 24.15 -13.26 23.78
N HIS A 101 23.97 -11.98 23.49
CA HIS A 101 22.71 -11.29 23.73
C HIS A 101 22.06 -11.48 25.08
N GLY A 102 22.85 -11.38 26.14
CA GLY A 102 22.30 -11.55 27.48
C GLY A 102 21.97 -12.94 27.96
N GLY A 103 22.29 -13.96 27.17
CA GLY A 103 22.00 -15.32 27.56
C GLY A 103 20.63 -15.86 27.23
N PRO A 104 20.35 -17.13 27.56
CA PRO A 104 19.06 -17.77 27.30
C PRO A 104 17.88 -17.03 27.94
N ASN A 105 18.14 -16.31 29.02
CA ASN A 105 17.08 -15.56 29.70
C ASN A 105 17.31 -14.05 29.55
N GLY A 106 17.91 -13.67 28.42
CA GLY A 106 18.16 -12.26 28.16
C GLY A 106 16.84 -11.55 27.91
N LEU A 107 16.87 -10.23 27.79
CA LEU A 107 15.66 -9.45 27.56
C LEU A 107 14.88 -9.88 26.31
N GLY A 108 15.58 -10.31 25.28
CA GLY A 108 14.92 -10.74 24.06
C GLY A 108 14.07 -11.99 24.25
N TYR A 109 14.33 -12.74 25.32
CA TYR A 109 13.58 -13.97 25.59
C TYR A 109 12.60 -13.84 26.74
N ARG A 110 12.27 -12.61 27.12
CA ARG A 110 11.34 -12.43 28.22
C ARG A 110 10.09 -11.64 27.82
N LYS A 111 9.02 -11.85 28.57
CA LYS A 111 7.75 -11.19 28.33
C LYS A 111 7.73 -9.82 29.01
N TRP A 112 7.75 -8.77 28.20
CA TRP A 112 7.74 -7.40 28.72
C TRP A 112 6.31 -6.95 29.02
N GLU A 113 6.17 -6.01 29.95
CA GLU A 113 4.86 -5.49 30.34
C GLU A 113 4.51 -4.33 29.41
N VAL A 114 3.23 -4.17 29.10
CA VAL A 114 2.80 -3.08 28.24
C VAL A 114 2.44 -1.97 29.20
N VAL A 115 3.23 -0.90 29.22
CA VAL A 115 2.95 0.21 30.12
C VAL A 115 2.22 1.37 29.45
N ARG A 116 2.18 1.36 28.13
CA ARG A 116 1.49 2.43 27.39
C ARG A 116 1.22 1.95 25.98
N HIS A 117 0.01 2.21 25.50
CA HIS A 117 -0.36 1.82 24.16
C HIS A 117 -1.35 2.85 23.63
N ALA A 118 -1.03 3.39 22.47
CA ALA A 118 -1.85 4.39 21.81
C ALA A 118 -1.83 4.06 20.33
N PRO A 119 -2.66 4.77 19.53
CA PRO A 119 -2.73 4.52 18.09
C PRO A 119 -1.39 4.55 17.34
N GLU A 120 -0.46 5.40 17.75
CA GLU A 120 0.83 5.49 17.07
C GLU A 120 2.05 5.19 17.93
N SER A 121 1.83 4.69 19.15
CA SER A 121 2.96 4.39 20.03
C SER A 121 2.65 3.30 21.04
N VAL A 122 3.69 2.63 21.51
CA VAL A 122 3.56 1.56 22.50
C VAL A 122 4.85 1.48 23.30
N SER A 123 4.73 1.33 24.62
CA SER A 123 5.90 1.24 25.48
C SER A 123 5.87 -0.07 26.25
N PHE A 124 7.04 -0.69 26.39
CA PHE A 124 7.17 -1.95 27.12
C PHE A 124 8.16 -1.74 28.25
N SER A 125 7.99 -2.50 29.33
CA SER A 125 8.90 -2.36 30.46
C SER A 125 9.21 -3.76 30.99
N VAL A 126 10.38 -3.90 31.60
CA VAL A 126 10.79 -5.19 32.16
C VAL A 126 11.95 -4.98 33.13
N ARG A 127 12.07 -5.87 34.10
CA ARG A 127 13.12 -5.77 35.09
C ARG A 127 14.03 -6.99 34.96
N ALA A 128 15.30 -6.79 35.26
CA ALA A 128 16.27 -7.88 35.17
C ALA A 128 17.40 -7.65 36.18
N ASN A 129 17.81 -8.72 36.85
CA ASN A 129 18.88 -8.67 37.84
C ASN A 129 19.80 -9.87 37.64
N GLU A 130 20.88 -9.92 38.41
CA GLU A 130 21.83 -11.02 38.28
C GLU A 130 21.17 -12.41 38.33
N GLN A 131 20.14 -12.59 39.17
CA GLN A 131 19.50 -13.90 39.23
C GLN A 131 18.82 -14.30 37.93
N ASP A 132 18.35 -13.30 37.18
CA ASP A 132 17.68 -13.57 35.91
C ASP A 132 18.63 -13.94 34.79
N ASP A 133 19.76 -13.25 34.69
CA ASP A 133 20.72 -13.54 33.63
C ASP A 133 22.19 -13.66 33.97
N GLY A 134 22.54 -13.61 35.26
CA GLY A 134 23.93 -13.72 35.63
C GLY A 134 24.80 -12.48 35.43
N LEU A 135 24.24 -11.43 34.84
CA LEU A 135 25.01 -10.21 34.63
C LEU A 135 24.94 -9.38 35.93
N PRO A 136 25.93 -8.51 36.18
CA PRO A 136 25.90 -7.71 37.41
C PRO A 136 24.73 -6.77 37.60
N GLY A 137 24.40 -6.53 38.87
CA GLY A 137 23.30 -5.65 39.24
C GLY A 137 21.92 -5.91 38.67
N ASP A 138 21.13 -4.85 38.57
CA ASP A 138 19.78 -4.96 38.05
C ASP A 138 19.45 -3.75 37.18
N ALA A 139 18.21 -3.72 36.69
CA ALA A 139 17.78 -2.62 35.85
C ALA A 139 16.32 -2.73 35.49
N LYS A 140 15.68 -1.57 35.36
CA LYS A 140 14.28 -1.49 35.00
C LYS A 140 14.41 -0.89 33.60
N ILE A 141 14.05 -1.66 32.60
CA ILE A 141 14.15 -1.20 31.22
C ILE A 141 12.81 -0.91 30.56
N ASP A 142 12.75 0.23 29.87
CA ASP A 142 11.55 0.65 29.17
C ASP A 142 11.92 0.97 27.73
N VAL A 143 11.18 0.37 26.80
CA VAL A 143 11.41 0.56 25.37
C VAL A 143 10.13 1.05 24.71
N THR A 144 10.25 2.08 23.89
CA THR A 144 9.08 2.63 23.21
C THR A 144 9.26 2.67 21.70
N TYR A 145 8.17 2.32 20.99
CA TYR A 145 8.17 2.31 19.55
C TYR A 145 7.11 3.35 19.20
N THR A 146 7.47 4.30 18.35
CA THR A 146 6.53 5.35 17.94
C THR A 146 6.67 5.65 16.47
N VAL A 147 5.55 5.87 15.80
CA VAL A 147 5.56 6.19 14.37
C VAL A 147 4.98 7.59 14.29
N ASN A 148 5.47 8.41 13.37
CA ASN A 148 4.96 9.78 13.24
C ASN A 148 4.62 10.16 11.81
N ASP A 149 4.16 11.41 11.65
CA ASP A 149 3.79 11.95 10.34
C ASP A 149 4.96 12.16 9.38
N ARG A 150 6.17 12.01 9.89
CA ARG A 150 7.36 12.19 9.07
C ARG A 150 7.80 10.82 8.54
N ASN A 151 6.91 9.84 8.68
CA ASN A 151 7.18 8.47 8.23
C ASN A 151 8.40 7.90 8.92
N GLN A 152 8.50 8.18 10.21
CA GLN A 152 9.62 7.69 10.99
C GLN A 152 9.18 6.72 12.07
N LEU A 153 10.04 5.76 12.37
CA LEU A 153 9.78 4.78 13.41
C LEU A 153 10.86 5.18 14.41
N ILE A 154 10.42 5.57 15.60
CA ILE A 154 11.37 5.96 16.64
C ILE A 154 11.42 4.91 17.74
N ILE A 155 12.62 4.45 18.04
CA ILE A 155 12.80 3.45 19.09
C ILE A 155 13.60 4.13 20.19
N GLU A 156 13.02 4.18 21.38
CA GLU A 156 13.69 4.79 22.51
C GLU A 156 14.04 3.69 23.48
N HIS A 157 15.24 3.77 24.04
CA HIS A 157 15.72 2.80 25.00
C HIS A 157 16.01 3.57 26.28
N HIS A 158 15.31 3.24 27.35
CA HIS A 158 15.49 3.92 28.62
C HIS A 158 15.66 2.90 29.75
N ALA A 159 16.37 3.29 30.81
CA ALA A 159 16.56 2.39 31.94
C ALA A 159 17.18 3.05 33.16
N THR A 160 16.93 2.44 34.31
CA THR A 160 17.44 2.90 35.59
C THR A 160 17.79 1.64 36.38
N CYS A 161 18.50 1.79 37.49
CA CYS A 161 18.87 0.63 38.30
C CYS A 161 18.99 0.98 39.78
N ASP A 162 18.96 -0.05 40.61
CA ASP A 162 19.06 0.10 42.06
C ASP A 162 20.45 -0.40 42.44
N THR A 163 20.99 -1.27 41.61
CA THR A 163 22.31 -1.84 41.81
C THR A 163 23.13 -1.66 40.53
N PRO A 164 24.41 -1.26 40.68
CA PRO A 164 25.35 -1.03 39.56
C PRO A 164 25.53 -2.25 38.67
N GLY A 165 25.57 -2.04 37.37
CA GLY A 165 25.74 -3.15 36.45
C GLY A 165 26.07 -2.67 35.05
N LEU A 166 25.84 -3.53 34.07
CA LEU A 166 26.11 -3.18 32.68
C LEU A 166 24.82 -3.24 31.87
N LEU A 167 24.68 -2.33 30.91
CA LEU A 167 23.48 -2.31 30.07
C LEU A 167 23.84 -1.71 28.71
N ALA A 168 23.69 -2.53 27.67
CA ALA A 168 24.00 -2.09 26.31
C ALA A 168 22.99 -2.81 25.45
N LEU A 169 21.94 -2.09 25.06
CA LEU A 169 20.88 -2.68 24.24
C LEU A 169 20.99 -2.38 22.75
N THR A 170 20.05 -2.99 22.02
CA THR A 170 19.93 -2.83 20.57
C THR A 170 18.62 -3.45 20.13
N ASN A 171 18.29 -3.24 18.86
CA ASN A 171 17.06 -3.78 18.26
C ASN A 171 17.59 -4.73 17.19
N HIS A 172 17.09 -5.95 17.19
CA HIS A 172 17.55 -6.93 16.22
C HIS A 172 16.66 -7.22 15.01
N ALA A 173 16.06 -6.19 14.44
CA ALA A 173 15.20 -6.39 13.27
C ALA A 173 16.04 -6.68 12.03
N TYR A 174 15.60 -7.68 11.24
CA TYR A 174 16.29 -8.06 10.01
C TYR A 174 15.53 -7.34 8.90
N TRP A 175 16.23 -6.52 8.12
CA TRP A 175 15.59 -5.78 7.03
C TRP A 175 15.77 -6.29 5.61
N ASN A 176 14.68 -6.21 4.85
CA ASN A 176 14.60 -6.62 3.46
C ASN A 176 13.49 -5.72 2.93
N LEU A 177 13.85 -4.76 2.09
CA LEU A 177 12.89 -3.82 1.52
C LEU A 177 12.08 -4.19 0.27
N ASP A 178 12.40 -5.30 -0.40
CA ASP A 178 11.64 -5.64 -1.60
C ASP A 178 11.17 -7.08 -1.72
N GLY A 179 11.48 -7.91 -0.73
CA GLY A 179 11.07 -9.30 -0.79
C GLY A 179 12.00 -10.23 -1.55
N SER A 180 13.08 -9.69 -2.10
CA SER A 180 14.03 -10.51 -2.85
C SER A 180 14.54 -11.65 -1.98
N ASP A 181 15.00 -12.73 -2.61
CA ASP A 181 15.50 -13.87 -1.86
C ASP A 181 16.71 -13.47 -1.01
N THR A 182 17.41 -12.44 -1.46
CA THR A 182 18.58 -11.95 -0.74
C THR A 182 18.67 -10.42 -0.90
N VAL A 183 19.54 -9.80 -0.11
CA VAL A 183 19.72 -8.34 -0.17
C VAL A 183 21.04 -7.97 -0.83
N ALA A 184 21.59 -8.90 -1.62
CA ALA A 184 22.85 -8.64 -2.30
C ALA A 184 22.77 -7.42 -3.21
N GLU A 185 21.61 -7.21 -3.82
CA GLU A 185 21.41 -6.07 -4.72
C GLU A 185 21.09 -4.76 -4.00
N HIS A 186 20.69 -4.84 -2.74
CA HIS A 186 20.38 -3.63 -1.99
C HIS A 186 21.60 -2.72 -1.90
N PHE A 187 21.38 -1.42 -1.87
CA PHE A 187 22.47 -0.47 -1.78
C PHE A 187 22.58 -0.03 -0.32
N LEU A 188 23.80 0.21 0.14
CA LEU A 188 24.02 0.63 1.50
C LEU A 188 25.09 1.70 1.54
N GLU A 189 24.83 2.75 2.31
CA GLU A 189 25.77 3.86 2.45
C GLU A 189 25.86 4.22 3.93
N GLU A 191 28.21 6.38 7.13
CA GLU A 191 29.22 7.34 7.51
C GLU A 191 30.07 6.63 8.55
N ALA A 192 30.87 5.66 8.11
CA ALA A 192 31.73 4.91 9.02
C ALA A 192 33.15 4.76 8.46
N ASP A 193 34.12 5.33 9.17
CA ASP A 193 35.52 5.26 8.74
C ASP A 193 36.24 4.05 9.33
N GLU A 194 35.70 3.52 10.42
CA GLU A 194 36.30 2.37 11.09
C GLU A 194 35.30 1.27 11.44
N PHE A 195 35.83 0.08 11.72
CA PHE A 195 35.00 -1.06 12.09
C PHE A 195 35.69 -1.84 13.19
N VAL A 196 34.91 -2.60 13.95
CA VAL A 196 35.44 -3.40 15.04
C VAL A 196 35.90 -4.77 14.54
N GLU A 197 37.19 -5.05 14.71
CA GLU A 197 37.75 -6.32 14.27
C GLU A 197 37.22 -7.49 15.12
N VAL A 198 36.94 -8.61 14.47
CA VAL A 198 36.44 -9.79 15.16
C VAL A 198 37.24 -11.01 14.73
N ASP A 199 37.21 -12.06 15.56
CA ASP A 199 37.93 -13.28 15.25
C ASP A 199 37.05 -14.27 14.51
N ASP A 200 37.49 -15.53 14.45
CA ASP A 200 36.76 -16.60 13.78
C ASP A 200 35.36 -16.81 14.34
N THR A 201 35.21 -16.64 15.65
CA THR A 201 33.92 -16.82 16.31
C THR A 201 33.13 -15.54 16.30
N PHE A 202 33.62 -14.57 15.53
CA PHE A 202 32.98 -13.28 15.42
C PHE A 202 32.93 -12.53 16.74
N CYS A 203 33.94 -12.73 17.57
CA CYS A 203 33.99 -12.05 18.85
C CYS A 203 35.08 -10.99 18.71
N PRO A 204 34.78 -9.75 19.13
CA PRO A 204 35.76 -8.67 19.03
C PRO A 204 37.11 -9.02 19.62
N THR A 205 38.17 -8.52 19.00
CA THR A 205 39.52 -8.78 19.47
C THR A 205 40.02 -7.59 20.27
N GLY A 206 39.30 -6.47 20.17
CA GLY A 206 39.68 -5.27 20.89
C GLY A 206 40.35 -4.27 19.96
N ALA A 207 40.58 -4.70 18.72
CA ALA A 207 41.22 -3.85 17.71
C ALA A 207 40.19 -3.12 16.86
N ILE A 208 40.55 -1.93 16.40
CA ILE A 208 39.68 -1.12 15.56
C ILE A 208 40.45 -0.98 14.25
N ARG A 209 39.77 -1.24 13.14
CA ARG A 209 40.41 -1.15 11.85
C ARG A 209 39.74 -0.13 10.94
N SER A 210 40.57 0.55 10.16
CA SER A 210 40.09 1.55 9.24
C SER A 210 39.31 0.79 8.18
N VAL A 211 38.31 1.44 7.61
CA VAL A 211 37.51 0.78 6.59
C VAL A 211 38.16 1.00 5.22
N THR A 212 39.02 2.00 5.13
CA THR A 212 39.70 2.32 3.88
C THR A 212 40.32 1.10 3.22
N ASP A 213 40.06 0.95 1.92
CA ASP A 213 40.58 -0.16 1.13
C ASP A 213 40.06 -1.55 1.54
N THR A 214 38.99 -1.58 2.33
CA THR A 214 38.42 -2.84 2.77
C THR A 214 37.02 -3.03 2.21
N GLY A 215 36.47 -4.23 2.35
CA GLY A 215 35.14 -4.51 1.85
C GLY A 215 34.02 -3.96 2.71
N PHE A 216 34.37 -3.26 3.78
CA PHE A 216 33.37 -2.67 4.68
C PHE A 216 33.22 -1.17 4.44
N ASP A 217 33.84 -0.65 3.39
CA ASP A 217 33.74 0.78 3.09
C ASP A 217 32.43 1.00 2.34
N PHE A 218 31.45 1.56 3.03
CA PHE A 218 30.14 1.83 2.45
C PHE A 218 29.96 3.34 2.36
N ARG A 219 31.05 4.07 2.55
CA ARG A 219 31.02 5.53 2.51
C ARG A 219 30.56 6.10 1.17
N SER A 220 30.67 5.30 0.11
CA SER A 220 30.28 5.75 -1.23
C SER A 220 28.97 5.12 -1.68
N GLY A 221 28.36 4.31 -0.82
CA GLY A 221 27.10 3.66 -1.16
C GLY A 221 27.27 2.64 -2.27
N LYS A 222 27.18 1.37 -1.91
CA LYS A 222 27.32 0.29 -2.88
C LYS A 222 26.36 -0.84 -2.55
N GLN A 223 26.31 -1.85 -3.40
CA GLN A 223 25.42 -2.98 -3.17
C GLN A 223 26.11 -3.97 -2.24
N LEU A 224 25.33 -4.60 -1.37
CA LEU A 224 25.86 -5.56 -0.42
C LEU A 224 26.63 -6.70 -1.07
N LYS A 225 26.20 -7.13 -2.25
CA LYS A 225 26.88 -8.23 -2.94
C LYS A 225 28.38 -7.98 -3.08
N GLU A 226 28.79 -6.73 -2.90
CA GLU A 226 30.20 -6.40 -3.02
C GLU A 226 30.95 -6.47 -1.69
N SER A 227 31.44 -7.67 -1.37
CA SER A 227 32.17 -7.89 -0.13
C SER A 227 33.20 -9.00 -0.30
N GLY A 228 34.27 -8.71 -1.03
CA GLY A 228 35.31 -9.69 -1.25
C GLY A 228 34.84 -10.90 -2.04
N LYS A 229 35.68 -11.93 -2.11
CA LYS A 229 35.36 -13.15 -2.84
C LYS A 229 35.69 -14.38 -2.00
N ASP A 230 34.67 -15.03 -1.47
CA ASP A 230 34.85 -16.22 -0.65
C ASP A 230 34.58 -17.49 -1.46
N ALA A 231 34.80 -18.65 -0.83
CA ALA A 231 34.59 -19.93 -1.49
C ALA A 231 33.16 -20.43 -1.27
N GLU A 232 32.29 -19.54 -0.80
CA GLU A 232 30.90 -19.91 -0.54
C GLU A 232 29.96 -18.91 -1.22
N GLU A 233 30.54 -17.86 -1.79
CA GLU A 233 29.78 -16.83 -2.49
C GLU A 233 28.70 -16.23 -1.60
N LEU A 234 28.95 -16.23 -0.29
CA LEU A 234 28.02 -15.68 0.68
C LEU A 234 28.58 -14.46 1.40
N LEU A 235 27.73 -13.48 1.67
CA LEU A 235 28.16 -12.27 2.36
C LEU A 235 28.24 -12.60 3.84
N ASP A 236 29.43 -12.53 4.40
CA ASP A 236 29.62 -12.83 5.82
C ASP A 236 29.68 -11.59 6.68
N LEU A 237 28.93 -10.56 6.30
CA LEU A 237 28.91 -9.32 7.06
C LEU A 237 28.32 -9.64 8.42
N ASP A 238 28.92 -9.11 9.48
CA ASP A 238 28.46 -9.34 10.84
C ASP A 238 29.46 -8.66 11.75
N ASN A 239 29.61 -7.36 11.56
CA ASN A 239 30.54 -6.55 12.35
C ASN A 239 29.96 -5.23 12.80
N ASP A 240 30.73 -4.57 13.67
CA ASP A 240 30.38 -3.28 14.24
C ASP A 240 31.00 -2.20 13.34
N LEU A 241 30.17 -1.28 12.85
CA LEU A 241 30.68 -0.21 12.00
C LEU A 241 30.61 1.06 12.86
N VAL A 242 31.77 1.62 13.19
CA VAL A 242 31.84 2.82 14.02
C VAL A 242 31.40 4.06 13.26
N ILE A 243 30.35 4.69 13.77
CA ILE A 243 29.79 5.90 13.17
C ILE A 243 30.71 7.11 13.29
N THR A 244 30.96 7.75 12.17
CA THR A 244 31.82 8.94 12.16
C THR A 244 30.94 10.09 12.62
N LYS A 245 31.16 10.57 13.84
CA LYS A 245 30.35 11.67 14.34
C LYS A 245 31.20 12.93 14.50
N LYS A 246 30.64 14.05 14.05
CA LYS A 246 31.33 15.33 14.13
C LYS A 246 31.31 15.85 15.56
N THR A 247 31.69 17.11 15.71
CA THR A 247 31.73 17.76 17.02
C THR A 247 31.45 19.25 16.84
N PRO A 248 32.17 19.90 15.90
CA PRO A 248 31.98 21.34 15.65
C PRO A 248 30.63 21.64 15.01
N SER A 253 21.65 14.12 11.94
CA SER A 253 22.26 13.76 10.66
C SER A 253 22.13 12.26 10.40
N THR A 254 21.91 11.91 9.14
CA THR A 254 21.76 10.51 8.74
C THR A 254 23.13 9.83 8.74
N TYR A 255 23.22 8.65 9.33
CA TYR A 255 24.48 7.92 9.38
C TYR A 255 24.44 6.69 8.50
N LEU A 256 23.24 6.24 8.17
CA LEU A 256 23.07 5.07 7.32
C LEU A 256 21.84 5.19 6.41
N ARG A 257 22.01 4.76 5.17
CA ARG A 257 20.96 4.79 4.16
C ARG A 257 20.96 3.42 3.52
N PHE A 258 19.82 2.75 3.56
CA PHE A 258 19.65 1.41 2.99
C PHE A 258 18.46 1.48 2.04
N TRP A 259 18.65 1.06 0.80
CA TRP A 259 17.54 1.11 -0.16
C TRP A 259 17.59 0.06 -1.26
N SER A 260 16.47 -0.06 -1.96
CA SER A 260 16.32 -1.01 -3.06
C SER A 260 15.77 -0.30 -4.30
N GLU A 261 16.55 -0.26 -5.38
CA GLU A 261 16.11 0.39 -6.61
C GLU A 261 14.88 -0.35 -7.11
N LYS A 262 14.78 -1.63 -6.76
CA LYS A 262 13.66 -2.45 -7.17
C LYS A 262 12.34 -1.91 -6.64
N SER A 263 12.14 -1.99 -5.32
CA SER A 263 10.91 -1.49 -4.71
C SER A 263 10.91 0.01 -4.53
N GLY A 264 12.08 0.63 -4.71
CA GLY A 264 12.17 2.08 -4.58
C GLY A 264 12.07 2.54 -3.14
N ILE A 265 12.04 1.59 -2.20
CA ILE A 265 11.94 1.94 -0.79
C ILE A 265 13.32 2.21 -0.19
N GLU A 266 13.41 3.28 0.59
CA GLU A 266 14.67 3.64 1.21
C GLU A 266 14.49 3.80 2.71
N LEU A 267 15.54 3.46 3.45
CA LEU A 267 15.56 3.54 4.90
C LEU A 267 16.80 4.31 5.33
N SER A 268 16.61 5.35 6.14
CA SER A 268 17.73 6.14 6.62
C SER A 268 17.68 6.07 8.13
N ILE A 269 18.85 6.02 8.76
CA ILE A 269 18.91 5.94 10.22
C ILE A 269 19.84 6.95 10.89
N THR A 270 19.43 7.40 12.06
CA THR A 270 20.20 8.34 12.86
C THR A 270 20.03 7.74 14.25
N THR A 271 21.11 7.70 15.01
CA THR A 271 21.04 7.13 16.34
C THR A 271 22.02 7.77 17.30
N SER A 272 21.73 7.66 18.59
CA SER A 272 22.58 8.21 19.62
C SER A 272 23.71 7.21 19.88
N TYR A 273 23.50 5.96 19.49
CA TYR A 273 24.51 4.93 19.68
C TYR A 273 25.74 5.25 18.83
N PRO A 274 26.93 4.83 19.29
CA PRO A 274 28.19 5.08 18.59
C PRO A 274 28.48 4.13 17.43
N VAL A 275 27.83 2.97 17.41
CA VAL A 275 28.08 2.03 16.32
C VAL A 275 26.79 1.38 15.84
N ILE A 276 26.89 0.73 14.69
CA ILE A 276 25.76 0.03 14.11
C ILE A 276 26.27 -1.31 13.66
N HIS A 277 25.78 -2.37 14.28
CA HIS A 277 26.21 -3.71 13.93
C HIS A 277 25.40 -4.20 12.73
N LEU A 278 26.10 -4.56 11.67
CA LEU A 278 25.47 -5.05 10.46
C LEU A 278 25.70 -6.55 10.31
N TYR A 279 24.62 -7.31 10.18
CA TYR A 279 24.71 -8.76 10.03
C TYR A 279 23.97 -9.15 8.75
N ALA A 280 24.73 -9.63 7.77
CA ALA A 280 24.18 -10.04 6.48
C ALA A 280 23.31 -11.30 6.48
N SER A 281 22.89 -11.75 7.66
CA SER A 281 22.04 -12.93 7.76
C SER A 281 22.60 -14.20 7.11
N LYS A 282 23.92 -14.38 7.20
CA LYS A 282 24.59 -15.55 6.62
C LYS A 282 24.15 -16.91 7.15
N PHE A 283 23.88 -16.99 8.45
CA PHE A 283 23.46 -18.26 9.06
C PHE A 283 21.96 -18.42 9.30
N LEU A 284 21.14 -17.67 8.56
CA LEU A 284 19.70 -17.77 8.72
C LEU A 284 19.13 -18.94 7.93
N ASP A 285 18.07 -19.54 8.44
CA ASP A 285 17.41 -20.68 7.80
C ASP A 285 16.20 -21.04 8.65
N CYS A 286 15.09 -20.32 8.45
CA CYS A 286 13.87 -20.57 9.20
C CYS A 286 12.63 -20.29 8.36
N LYS A 287 11.50 -20.86 8.77
CA LYS A 287 10.24 -20.66 8.07
C LYS A 287 9.58 -19.38 8.57
N GLY A 288 9.68 -18.31 7.79
CA GLY A 288 9.09 -17.05 8.18
C GLY A 288 7.71 -16.74 7.65
N LYS A 289 7.43 -15.44 7.55
CA LYS A 289 6.14 -14.94 7.05
C LYS A 289 5.75 -15.57 5.71
N LYS A 290 4.44 -15.71 5.49
CA LYS A 290 3.92 -16.29 4.25
C LYS A 290 4.39 -17.74 4.09
N GLY A 291 4.95 -18.30 5.16
CA GLY A 291 5.43 -19.67 5.09
C GLY A 291 6.72 -19.71 4.30
N GLU A 292 7.26 -18.53 4.03
CA GLU A 292 8.51 -18.39 3.29
C GLU A 292 9.70 -19.03 4.00
N HIS A 293 10.66 -19.50 3.21
CA HIS A 293 11.87 -20.13 3.73
C HIS A 293 13.06 -19.17 3.62
N TYR A 294 13.40 -18.52 4.73
CA TYR A 294 14.52 -17.59 4.71
C TYR A 294 15.82 -18.36 4.57
N LYS A 295 16.71 -17.86 3.73
CA LYS A 295 17.99 -18.53 3.50
C LYS A 295 19.15 -17.55 3.66
N ALA A 296 20.36 -18.01 3.42
CA ALA A 296 21.55 -17.17 3.55
C ALA A 296 21.40 -15.81 2.89
N ASN A 297 21.93 -14.78 3.57
CA ASN A 297 21.88 -13.40 3.10
C ASN A 297 20.49 -12.89 2.73
N LYS A 298 19.46 -13.45 3.35
CA LYS A 298 18.08 -13.04 3.08
C LYS A 298 17.84 -11.58 3.43
N ALA A 299 18.25 -11.18 4.63
CA ALA A 299 18.05 -9.80 5.04
C ALA A 299 19.30 -9.18 5.66
N LEU A 300 19.15 -7.94 6.12
CA LEU A 300 20.25 -7.23 6.72
C LEU A 300 19.84 -6.80 8.12
N ALA A 301 20.46 -7.40 9.13
CA ALA A 301 20.15 -7.05 10.51
C ALA A 301 20.88 -5.75 10.77
N ILE A 302 20.14 -4.75 11.23
CA ILE A 302 20.73 -3.45 11.53
C ILE A 302 20.54 -3.25 13.02
N GLU A 303 21.65 -3.25 13.75
CA GLU A 303 21.61 -3.09 15.20
C GLU A 303 22.42 -1.95 15.77
N PRO A 304 21.79 -0.77 15.98
CA PRO A 304 22.47 0.39 16.55
C PRO A 304 22.77 -0.04 17.98
N GLN A 305 24.02 0.12 18.41
CA GLN A 305 24.37 -0.30 19.78
C GLN A 305 25.74 0.25 20.16
N PHE A 306 26.20 -0.12 21.35
CA PHE A 306 27.51 0.30 21.83
C PHE A 306 28.41 -0.79 21.27
N HIS A 307 29.71 -0.53 21.20
CA HIS A 307 30.64 -1.53 20.69
C HIS A 307 30.42 -2.90 21.31
N SER A 308 30.50 -3.93 20.47
CA SER A 308 30.32 -5.30 20.94
C SER A 308 31.50 -5.62 21.87
N ALA A 309 31.25 -6.40 22.91
CA ALA A 309 32.30 -6.79 23.87
C ALA A 309 32.86 -5.62 24.67
N ALA A 310 32.10 -4.52 24.74
CA ALA A 310 32.55 -3.34 25.49
C ALA A 310 32.93 -3.72 26.94
N PRO A 311 32.14 -4.59 27.58
CA PRO A 311 32.45 -4.98 28.96
C PRO A 311 33.81 -5.67 29.12
N ASN A 312 34.38 -6.13 28.00
CA ASN A 312 35.68 -6.82 28.00
C ASN A 312 36.88 -5.95 27.65
N PHE A 313 36.63 -4.79 27.07
CA PHE A 313 37.73 -3.91 26.68
C PHE A 313 37.49 -2.52 27.27
N ASP A 314 38.36 -2.10 28.18
CA ASP A 314 38.19 -0.79 28.80
C ASP A 314 38.41 0.42 27.89
N HIS A 315 38.91 0.20 26.67
CA HIS A 315 39.12 1.33 25.77
C HIS A 315 37.86 1.53 24.92
N PHE A 316 36.92 0.61 25.06
CA PHE A 316 35.66 0.69 24.30
C PHE A 316 34.77 1.48 25.26
N PRO A 317 33.60 1.93 24.80
CA PRO A 317 32.70 2.71 25.66
C PRO A 317 32.31 2.03 26.98
N ASP A 318 32.23 2.81 28.04
CA ASP A 318 31.86 2.31 29.35
C ASP A 318 30.35 2.11 29.31
N VAL A 319 29.87 0.86 29.37
CA VAL A 319 28.43 0.63 29.33
C VAL A 319 27.82 0.34 30.69
N SER A 320 28.46 0.81 31.76
CA SER A 320 27.92 0.57 33.07
C SER A 320 26.68 1.46 33.26
N LEU A 321 25.78 1.01 34.11
CA LEU A 321 24.54 1.73 34.43
C LEU A 321 24.54 1.72 35.94
N ARG A 322 24.67 2.90 36.56
CA ARG A 322 24.71 3.01 38.02
C ARG A 322 23.53 3.78 38.60
N PRO A 323 23.16 3.48 39.86
CA PRO A 323 22.06 4.10 40.59
C PRO A 323 22.04 5.62 40.41
N GLY A 324 20.88 6.17 40.13
CA GLY A 324 20.77 7.61 39.96
C GLY A 324 20.92 8.06 38.52
N ASP A 325 21.60 7.27 37.68
CA ASP A 325 21.77 7.65 36.29
C ASP A 325 20.63 7.12 35.43
N HIS A 326 20.55 7.64 34.21
CA HIS A 326 19.52 7.22 33.29
C HIS A 326 20.09 6.76 31.96
N TYR A 327 19.79 5.54 31.57
CA TYR A 327 20.27 5.01 30.30
C TYR A 327 19.27 5.64 29.36
N CYS A 328 19.76 6.31 28.31
CA CYS A 328 18.84 6.95 27.37
C CYS A 328 19.44 6.99 25.98
N GLN A 329 18.91 6.18 25.07
CA GLN A 329 19.40 6.13 23.69
C GLN A 329 18.18 6.07 22.78
N GLU A 330 18.38 6.42 21.50
CA GLU A 330 17.28 6.38 20.55
C GLU A 330 17.78 6.02 19.15
N ILE A 331 16.86 5.49 18.36
CA ILE A 331 17.14 5.10 16.99
C ILE A 331 15.98 5.63 16.18
N VAL A 332 16.27 6.42 15.15
CA VAL A 332 15.21 6.97 14.31
C VAL A 332 15.31 6.41 12.89
N TYR A 333 14.29 5.66 12.49
CA TYR A 333 14.25 5.07 11.15
C TYR A 333 13.31 5.92 10.30
N THR A 334 13.80 6.45 9.19
CA THR A 334 12.96 7.26 8.32
C THR A 334 12.75 6.49 7.02
N PHE A 335 11.50 6.30 6.65
CA PHE A 335 11.17 5.57 5.43
C PHE A 335 10.74 6.55 4.34
N SER A 336 11.27 6.34 3.14
CA SER A 336 10.96 7.20 2.00
C SER A 336 11.15 6.44 0.69
N HIS A 337 11.21 7.19 -0.41
CA HIS A 337 11.40 6.59 -1.71
C HIS A 337 12.57 7.21 -2.46
N VAL A 338 13.28 6.40 -3.21
CA VAL A 338 14.43 6.87 -3.97
C VAL A 338 13.95 7.46 -5.30
N ASN A 339 13.78 8.78 -5.34
CA ASN A 339 13.32 9.43 -6.57
C ASN A 339 14.41 10.36 -7.12
N ALA B 11 -0.51 -11.02 -25.11
CA ALA B 11 -0.66 -10.52 -23.73
C ALA B 11 -0.47 -9.00 -23.67
N SER B 12 -1.31 -8.35 -22.88
CA SER B 12 -1.23 -6.88 -22.73
C SER B 12 -1.41 -6.51 -21.25
N GLY B 13 -0.32 -6.11 -20.61
CA GLY B 13 -0.37 -5.73 -19.21
C GLY B 13 -0.86 -4.33 -18.91
N PHE B 14 -0.83 -3.98 -17.62
CA PHE B 14 -1.26 -2.66 -17.15
C PHE B 14 -0.41 -1.56 -17.77
N ILE B 15 -1.03 -0.40 -17.95
CA ILE B 15 -0.36 0.78 -18.52
C ILE B 15 -0.58 1.91 -17.53
N GLU B 16 0.49 2.50 -17.03
CA GLU B 16 0.34 3.59 -16.08
C GLU B 16 0.63 4.97 -16.62
N ILE B 17 -0.21 5.93 -16.23
CA ILE B 17 -0.05 7.31 -16.66
C ILE B 17 -0.08 8.13 -15.38
N ALA B 18 0.54 9.30 -15.38
CA ALA B 18 0.54 10.12 -14.17
C ALA B 18 1.03 11.53 -14.45
N ASN B 19 0.70 12.45 -13.56
CA ASN B 19 1.13 13.83 -13.71
C ASN B 19 2.25 14.01 -12.68
N LYS B 20 2.66 15.25 -12.44
CA LYS B 20 3.72 15.48 -11.47
C LYS B 20 3.16 16.05 -10.18
N GLN B 21 1.92 15.70 -9.86
CA GLN B 21 1.29 16.21 -8.65
C GLN B 21 0.62 15.18 -7.74
N GLY B 22 0.84 13.90 -7.99
CA GLY B 22 0.23 12.89 -7.13
C GLY B 22 -0.95 12.13 -7.70
N LEU B 23 -1.35 12.41 -8.93
CA LEU B 23 -2.47 11.72 -9.56
C LEU B 23 -1.95 10.65 -10.52
N THR B 24 -2.35 9.41 -10.30
CA THR B 24 -1.89 8.33 -11.19
C THR B 24 -3.08 7.47 -11.58
N ALA B 25 -3.03 6.91 -12.78
CA ALA B 25 -4.10 6.06 -13.27
C ALA B 25 -3.45 4.87 -13.95
N THR B 26 -4.03 3.68 -13.75
CA THR B 26 -3.50 2.48 -14.36
C THR B 26 -4.60 1.97 -15.27
N LEU B 27 -4.27 1.76 -16.54
CA LEU B 27 -5.24 1.29 -17.52
C LEU B 27 -4.91 -0.12 -18.00
N LEU B 28 -5.91 -0.79 -18.56
CA LEU B 28 -5.76 -2.15 -19.07
C LEU B 28 -6.38 -2.22 -20.47
N PRO B 29 -5.64 -2.79 -21.44
CA PRO B 29 -6.16 -2.89 -22.82
C PRO B 29 -7.48 -3.65 -22.88
N PHE B 30 -7.60 -4.70 -22.08
CA PHE B 30 -8.82 -5.48 -22.07
C PHE B 30 -9.95 -4.61 -21.54
N GLY B 31 -10.92 -4.30 -22.41
CA GLY B 31 -12.06 -3.48 -22.03
C GLY B 31 -11.72 -2.01 -21.86
N ALA B 32 -10.52 -1.60 -22.29
CA ALA B 32 -10.09 -0.19 -22.16
C ALA B 32 -10.51 0.22 -20.76
N THR B 33 -10.10 -0.62 -19.81
CA THR B 33 -10.39 -0.47 -18.39
C THR B 33 -9.55 0.46 -17.52
N LEU B 34 -10.25 1.20 -16.65
CA LEU B 34 -9.58 2.12 -15.73
C LEU B 34 -9.44 1.19 -14.53
N ALA B 35 -8.27 0.60 -14.37
CA ALA B 35 -8.01 -0.33 -13.26
C ALA B 35 -7.69 0.30 -11.91
N LYS B 36 -7.01 1.43 -11.94
CA LYS B 36 -6.65 2.12 -10.70
C LYS B 36 -6.58 3.62 -10.92
N LEU B 37 -6.75 4.37 -9.85
CA LEU B 37 -6.70 5.82 -9.90
C LEU B 37 -6.36 6.21 -8.49
N THR B 38 -5.12 6.64 -8.29
CA THR B 38 -4.63 7.04 -6.98
C THR B 38 -4.45 8.55 -6.84
N PHE B 39 -4.75 9.05 -5.65
CA PHE B 39 -4.64 10.47 -5.32
C PHE B 39 -4.37 10.54 -3.82
N PRO B 40 -3.61 11.56 -3.35
CA PRO B 40 -3.33 11.66 -1.93
C PRO B 40 -4.56 12.10 -1.14
N ASP B 41 -4.74 11.59 0.07
CA ASP B 41 -5.89 12.00 0.85
C ASP B 41 -5.47 13.24 1.63
N LYS B 42 -6.35 13.73 2.49
CA LYS B 42 -6.06 14.92 3.29
C LYS B 42 -4.84 14.79 4.19
N ASN B 43 -4.37 13.57 4.40
CA ASN B 43 -3.20 13.34 5.26
C ASN B 43 -1.95 13.06 4.45
N GLY B 44 -2.09 13.05 3.12
CA GLY B 44 -0.94 12.79 2.28
C GLY B 44 -0.79 11.32 1.92
N LYS B 45 -1.70 10.49 2.39
CA LYS B 45 -1.62 9.06 2.07
C LYS B 45 -2.28 8.81 0.72
N ASN B 46 -1.58 8.09 -0.16
CA ASN B 46 -2.14 7.80 -1.47
C ASN B 46 -3.31 6.86 -1.31
N GLN B 47 -4.40 7.18 -2.00
CA GLN B 47 -5.61 6.35 -1.93
C GLN B 47 -6.07 5.96 -3.32
N ASP B 48 -6.40 4.68 -3.50
CA ASP B 48 -6.87 4.20 -4.81
C ASP B 48 -8.35 4.54 -4.69
N LEU B 49 -8.88 5.26 -5.67
CA LEU B 49 -10.29 5.67 -5.63
C LEU B 49 -11.29 4.81 -6.39
N VAL B 50 -10.81 3.80 -7.12
CA VAL B 50 -11.71 2.93 -7.86
C VAL B 50 -11.50 1.47 -7.48
N LEU B 51 -12.55 0.68 -7.62
CA LEU B 51 -12.48 -0.74 -7.29
C LEU B 51 -11.75 -1.39 -8.45
N GLY B 52 -11.35 -2.65 -8.27
CA GLY B 52 -10.64 -3.33 -9.33
C GLY B 52 -10.02 -4.60 -8.78
N PHE B 53 -8.99 -5.10 -9.46
CA PHE B 53 -8.33 -6.31 -9.03
C PHE B 53 -6.82 -6.18 -9.09
N ASP B 54 -6.12 -7.09 -8.41
CA ASP B 54 -4.66 -7.08 -8.39
C ASP B 54 -4.05 -7.68 -9.65
N THR B 55 -4.71 -8.67 -10.22
CA THR B 55 -4.22 -9.32 -11.43
C THR B 55 -5.03 -9.03 -12.67
N ILE B 56 -4.38 -9.13 -13.82
CA ILE B 56 -5.02 -8.90 -15.10
C ILE B 56 -6.05 -9.98 -15.34
N ASP B 57 -5.74 -11.19 -14.92
CA ASP B 57 -6.65 -12.33 -15.09
C ASP B 57 -7.96 -12.07 -14.36
N GLU B 58 -7.88 -11.49 -13.17
CA GLU B 58 -9.08 -11.20 -12.39
C GLU B 58 -9.97 -10.22 -13.16
N PHE B 59 -9.36 -9.28 -13.86
CA PHE B 59 -10.14 -8.30 -14.62
C PHE B 59 -10.87 -9.00 -15.77
N GLU B 60 -10.19 -9.92 -16.44
CA GLU B 60 -10.80 -10.65 -17.55
C GLU B 60 -11.94 -11.55 -17.10
N LYS B 61 -11.94 -11.96 -15.84
CA LYS B 61 -13.00 -12.84 -15.34
C LYS B 61 -14.15 -12.06 -14.72
N ASP B 62 -13.90 -10.78 -14.45
CA ASP B 62 -14.91 -9.91 -13.85
C ASP B 62 -16.20 -9.88 -14.69
N ALA B 63 -17.34 -9.88 -14.02
CA ALA B 63 -18.62 -9.84 -14.70
C ALA B 63 -19.38 -8.55 -14.38
N ALA B 64 -18.90 -7.81 -13.38
CA ALA B 64 -19.55 -6.56 -12.99
C ALA B 64 -19.06 -5.31 -13.73
N SER B 65 -18.35 -5.50 -14.84
CA SER B 65 -17.81 -4.41 -15.67
C SER B 65 -17.06 -3.35 -14.88
N ILE B 66 -16.31 -3.78 -13.86
CA ILE B 66 -15.56 -2.85 -13.05
C ILE B 66 -14.51 -2.04 -13.83
N GLY B 67 -14.73 -0.74 -13.90
CA GLY B 67 -13.83 0.17 -14.60
C GLY B 67 -13.77 0.08 -16.11
N LYS B 68 -14.57 -0.80 -16.68
CA LYS B 68 -14.58 -0.96 -18.13
C LYS B 68 -15.18 0.15 -18.98
N THR B 69 -14.75 0.20 -20.24
CA THR B 69 -15.28 1.19 -21.16
C THR B 69 -16.39 0.28 -21.70
N VAL B 70 -17.64 0.69 -21.54
CA VAL B 70 -18.77 -0.12 -22.00
C VAL B 70 -19.40 0.29 -23.33
N GLY B 71 -19.77 -0.71 -24.11
CA GLY B 71 -20.39 -0.50 -25.42
C GLY B 71 -20.80 -1.84 -26.01
N ARG B 72 -21.38 -1.87 -27.21
CA ARG B 72 -21.65 -0.67 -28.00
C ARG B 72 -22.80 0.20 -27.51
N VAL B 73 -23.61 -0.32 -26.59
CA VAL B 73 -24.72 0.44 -26.04
C VAL B 73 -24.71 0.20 -24.54
N ALA B 74 -24.47 1.27 -23.78
CA ALA B 74 -24.41 1.19 -22.32
C ALA B 74 -25.80 0.89 -21.77
N ASN B 75 -25.81 0.19 -20.64
CA ASN B 75 -27.01 -0.21 -19.96
C ASN B 75 -27.87 -1.18 -20.77
N ARG B 76 -29.18 -1.18 -20.58
CA ARG B 76 -30.00 -2.12 -21.31
C ARG B 76 -30.82 -1.76 -22.54
N ILE B 77 -31.00 -2.78 -23.37
CA ILE B 77 -31.77 -2.70 -24.61
C ILE B 77 -32.97 -3.49 -24.09
N LYS B 78 -34.11 -2.81 -23.95
CA LYS B 78 -35.34 -3.41 -23.46
C LYS B 78 -35.79 -4.67 -24.21
N ASN B 79 -35.97 -5.75 -23.44
CA ASN B 79 -36.41 -7.03 -23.97
C ASN B 79 -35.46 -7.62 -25.01
N SER B 80 -34.22 -7.13 -25.01
CA SER B 80 -33.21 -7.63 -25.95
C SER B 80 -33.62 -7.54 -27.43
N THR B 81 -34.37 -6.51 -27.78
CA THR B 81 -34.80 -6.33 -29.16
C THR B 81 -35.00 -4.86 -29.43
N LEU B 82 -34.81 -4.46 -30.69
CA LEU B 82 -34.97 -3.07 -31.06
C LEU B 82 -35.15 -2.96 -32.57
N HIS B 83 -35.54 -1.77 -33.02
CA HIS B 83 -35.76 -1.50 -34.43
C HIS B 83 -34.80 -0.39 -34.84
N PHE B 84 -34.09 -0.61 -35.94
CA PHE B 84 -33.15 0.37 -36.45
C PHE B 84 -33.27 0.41 -37.96
N ASP B 85 -33.60 1.58 -38.48
CA ASP B 85 -33.77 1.75 -39.92
C ASP B 85 -34.63 0.66 -40.54
N GLY B 86 -35.89 0.60 -40.10
CA GLY B 86 -36.84 -0.37 -40.60
C GLY B 86 -36.55 -1.84 -40.38
N LYS B 87 -35.55 -2.18 -39.58
CA LYS B 87 -35.25 -3.58 -39.34
C LYS B 87 -35.19 -3.93 -37.85
N GLN B 88 -35.74 -5.09 -37.51
CA GLN B 88 -35.73 -5.52 -36.12
C GLN B 88 -34.52 -6.40 -35.84
N TYR B 89 -33.87 -6.14 -34.71
CA TYR B 89 -32.70 -6.89 -34.30
C TYR B 89 -33.04 -7.53 -32.96
N THR B 90 -32.67 -8.80 -32.81
CA THR B 90 -32.95 -9.51 -31.56
C THR B 90 -31.69 -10.23 -31.12
N THR B 92 -29.66 -12.45 -27.62
CA THR B 92 -29.94 -13.33 -26.49
C THR B 92 -29.76 -12.53 -25.21
N PRO B 93 -30.80 -12.49 -24.35
CA PRO B 93 -30.73 -11.74 -23.09
C PRO B 93 -29.56 -12.15 -22.19
N ASN B 94 -29.00 -11.19 -21.46
CA ASN B 94 -27.90 -11.49 -20.56
C ASN B 94 -28.14 -10.88 -19.19
N ASN B 95 -29.32 -10.28 -19.01
CA ASN B 95 -29.67 -9.66 -17.73
C ASN B 95 -31.19 -9.58 -17.72
N GLY B 96 -31.84 -10.50 -17.02
CA GLY B 96 -33.29 -10.50 -16.97
C GLY B 96 -33.69 -10.69 -18.43
N PRO B 97 -34.76 -10.04 -18.89
CA PRO B 97 -35.13 -10.22 -20.30
C PRO B 97 -34.40 -9.25 -21.25
N HIS B 98 -33.46 -8.48 -20.69
CA HIS B 98 -32.71 -7.49 -21.46
C HIS B 98 -31.28 -7.81 -21.94
N TYR B 99 -30.75 -6.91 -22.77
CA TYR B 99 -29.40 -7.04 -23.33
C TYR B 99 -28.60 -5.90 -22.71
N LEU B 100 -27.81 -6.25 -21.71
CA LEU B 100 -27.00 -5.28 -20.99
C LEU B 100 -25.57 -5.05 -21.42
N HIS B 101 -25.19 -3.78 -21.42
CA HIS B 101 -23.84 -3.38 -21.78
C HIS B 101 -23.23 -3.97 -23.03
N GLY B 102 -24.04 -4.09 -24.08
CA GLY B 102 -23.53 -4.64 -25.33
C GLY B 102 -23.39 -6.16 -25.41
N GLY B 103 -23.86 -6.88 -24.40
CA GLY B 103 -23.77 -8.33 -24.42
C GLY B 103 -22.47 -8.95 -23.92
N PRO B 104 -22.37 -10.30 -23.94
CA PRO B 104 -21.19 -11.05 -23.49
C PRO B 104 -19.92 -10.73 -24.26
N ASN B 105 -20.09 -10.19 -25.47
CA ASN B 105 -18.94 -9.84 -26.30
C ASN B 105 -18.94 -8.33 -26.55
N GLY B 106 -19.48 -7.58 -25.60
CA GLY B 106 -19.52 -6.12 -25.74
C GLY B 106 -18.11 -5.59 -25.65
N LEU B 107 -17.94 -4.28 -25.86
CA LEU B 107 -16.62 -3.64 -25.81
C LEU B 107 -15.84 -3.88 -24.52
N GLY B 108 -16.55 -4.01 -23.41
CA GLY B 108 -15.88 -4.23 -22.14
C GLY B 108 -15.20 -5.59 -22.08
N TYR B 109 -15.65 -6.52 -22.90
CA TYR B 109 -15.07 -7.87 -22.92
C TYR B 109 -14.15 -8.13 -24.13
N ARG B 110 -13.77 -7.06 -24.81
CA ARG B 110 -12.90 -7.16 -25.99
C ARG B 110 -11.48 -6.69 -25.66
N LYS B 111 -10.51 -7.23 -26.37
CA LYS B 111 -9.11 -6.86 -26.16
C LYS B 111 -8.82 -5.67 -27.06
N TRP B 112 -8.81 -4.46 -26.50
CA TRP B 112 -8.53 -3.28 -27.31
C TRP B 112 -7.05 -3.17 -27.64
N GLU B 113 -6.74 -2.48 -28.72
CA GLU B 113 -5.36 -2.29 -29.13
C GLU B 113 -4.87 -0.95 -28.61
N VAL B 114 -3.59 -0.88 -28.23
CA VAL B 114 -3.01 0.35 -27.72
C VAL B 114 -2.55 1.11 -28.95
N VAL B 115 -3.05 2.32 -29.15
CA VAL B 115 -2.67 3.11 -30.31
C VAL B 115 -1.77 4.30 -29.98
N ARG B 116 -1.67 4.62 -28.70
CA ARG B 116 -0.85 5.72 -28.24
C ARG B 116 -0.62 5.63 -26.74
N HIS B 117 0.63 5.69 -26.32
CA HIS B 117 0.95 5.64 -24.90
C HIS B 117 2.07 6.62 -24.59
N ALA B 118 1.81 7.46 -23.59
CA ALA B 118 2.75 8.48 -23.15
C ALA B 118 2.74 8.57 -21.63
N PRO B 119 3.70 9.32 -21.06
CA PRO B 119 3.75 9.45 -19.60
C PRO B 119 2.44 9.88 -18.94
N GLU B 120 1.65 10.68 -19.63
CA GLU B 120 0.37 11.14 -19.06
C GLU B 120 -0.88 10.79 -19.84
N SER B 121 -0.79 9.87 -20.78
CA SER B 121 -1.98 9.51 -21.55
C SER B 121 -1.82 8.21 -22.31
N VAL B 122 -2.95 7.54 -22.56
CA VAL B 122 -2.95 6.28 -23.28
C VAL B 122 -4.24 6.23 -24.08
N SER B 123 -4.15 5.77 -25.33
CA SER B 123 -5.31 5.66 -26.20
C SER B 123 -5.50 4.22 -26.65
N PHE B 124 -6.74 3.76 -26.67
CA PHE B 124 -7.07 2.39 -27.09
C PHE B 124 -8.04 2.46 -28.26
N SER B 125 -8.05 1.39 -29.06
CA SER B 125 -8.93 1.34 -30.22
C SER B 125 -9.43 -0.09 -30.42
N VAL B 126 -10.63 -0.22 -30.96
CA VAL B 126 -11.22 -1.52 -31.21
C VAL B 126 -12.31 -1.41 -32.27
N ARG B 127 -12.58 -2.51 -32.95
CA ARG B 127 -13.60 -2.53 -33.98
C ARG B 127 -14.67 -3.55 -33.59
N ALA B 128 -15.91 -3.24 -33.90
CA ALA B 128 -17.02 -4.13 -33.59
C ALA B 128 -18.09 -4.06 -34.68
N ASN B 129 -18.73 -5.19 -34.96
CA ASN B 129 -19.77 -5.24 -35.98
C ASN B 129 -20.87 -6.17 -35.48
N GLU B 130 -21.95 -6.26 -36.24
CA GLU B 130 -23.09 -7.13 -35.87
C GLU B 130 -22.67 -8.56 -35.58
N GLN B 131 -21.70 -9.07 -36.33
CA GLN B 131 -21.25 -10.43 -36.12
C GLN B 131 -20.69 -10.59 -34.70
N ASP B 132 -20.04 -9.55 -34.20
CA ASP B 132 -19.47 -9.61 -32.86
C ASP B 132 -20.44 -9.53 -31.69
N ASP B 133 -21.39 -8.61 -31.76
CA ASP B 133 -22.34 -8.44 -30.67
C ASP B 133 -23.82 -8.46 -31.00
N GLY B 134 -24.18 -8.69 -32.26
CA GLY B 134 -25.58 -8.72 -32.63
C GLY B 134 -26.23 -7.36 -32.89
N LEU B 135 -25.54 -6.28 -32.52
CA LEU B 135 -26.08 -4.94 -32.73
C LEU B 135 -25.89 -4.50 -34.19
N PRO B 136 -26.70 -3.56 -34.66
CA PRO B 136 -26.57 -3.10 -36.04
C PRO B 136 -25.26 -2.42 -36.44
N GLY B 137 -24.94 -2.51 -37.73
CA GLY B 137 -23.74 -1.91 -38.27
C GLY B 137 -22.43 -2.27 -37.63
N ASP B 138 -21.49 -1.34 -37.73
CA ASP B 138 -20.17 -1.53 -37.16
C ASP B 138 -19.64 -0.20 -36.68
N ALA B 139 -18.43 -0.21 -36.14
CA ALA B 139 -17.82 1.01 -35.65
C ALA B 139 -16.39 0.80 -35.24
N LYS B 140 -15.62 1.88 -35.31
CA LYS B 140 -14.23 1.86 -34.95
C LYS B 140 -14.24 2.81 -33.75
N ILE B 141 -14.01 2.27 -32.56
CA ILE B 141 -14.00 3.08 -31.35
C ILE B 141 -12.61 3.29 -30.79
N ASP B 142 -12.32 4.52 -30.38
CA ASP B 142 -11.02 4.82 -29.80
C ASP B 142 -11.28 5.64 -28.53
N VAL B 143 -10.68 5.20 -27.44
CA VAL B 143 -10.82 5.86 -26.15
C VAL B 143 -9.47 6.29 -25.62
N THR B 144 -9.44 7.48 -25.01
CA THR B 144 -8.21 8.03 -24.45
C THR B 144 -8.39 8.44 -22.99
N TYR B 145 -7.38 8.13 -22.18
CA TYR B 145 -7.36 8.44 -20.76
C TYR B 145 -6.16 9.36 -20.64
N THR B 146 -6.37 10.54 -20.07
CA THR B 146 -5.31 11.52 -19.88
C THR B 146 -5.38 12.22 -18.52
N VAL B 147 -4.23 12.38 -17.88
CA VAL B 147 -4.18 13.06 -16.59
C VAL B 147 -3.37 14.33 -16.84
N ASN B 148 -3.69 15.40 -16.14
CA ASN B 148 -2.95 16.65 -16.33
C ASN B 148 -2.58 17.36 -15.05
N ASP B 149 -1.91 18.49 -15.21
CA ASP B 149 -1.46 19.33 -14.09
C ASP B 149 -2.59 19.95 -13.28
N ARG B 150 -3.82 19.85 -13.78
CA ARG B 150 -4.95 20.42 -13.06
C ARG B 150 -5.62 19.33 -12.21
N ASN B 151 -4.91 18.22 -12.06
CA ASN B 151 -5.40 17.08 -11.28
C ASN B 151 -6.71 16.58 -11.83
N GLN B 152 -6.75 16.39 -13.14
CA GLN B 152 -7.94 15.90 -13.80
C GLN B 152 -7.60 14.63 -14.56
N LEU B 153 -8.63 13.81 -14.74
CA LEU B 153 -8.52 12.55 -15.46
C LEU B 153 -9.51 12.90 -16.56
N ILE B 154 -9.06 12.87 -17.80
CA ILE B 154 -9.93 13.18 -18.92
C ILE B 154 -10.16 11.95 -19.79
N ILE B 155 -11.43 11.57 -19.94
CA ILE B 155 -11.77 10.41 -20.74
C ILE B 155 -12.42 10.90 -22.03
N GLU B 156 -11.87 10.51 -23.17
CA GLU B 156 -12.42 10.93 -24.46
C GLU B 156 -13.00 9.69 -25.15
N HIS B 157 -14.16 9.86 -25.78
CA HIS B 157 -14.83 8.77 -26.48
C HIS B 157 -15.04 9.18 -27.92
N HIS B 158 -14.39 8.48 -28.85
CA HIS B 158 -14.51 8.81 -30.27
C HIS B 158 -14.81 7.56 -31.09
N ALA B 159 -15.54 7.75 -32.20
CA ALA B 159 -15.86 6.63 -33.07
C ALA B 159 -16.38 7.07 -34.43
N THR B 160 -16.21 6.18 -35.40
CA THR B 160 -16.63 6.39 -36.77
C THR B 160 -17.19 5.02 -37.18
N CYS B 161 -17.81 4.94 -38.35
CA CYS B 161 -18.37 3.67 -38.79
C CYS B 161 -18.41 3.62 -40.32
N ASP B 162 -18.65 2.42 -40.85
CA ASP B 162 -18.74 2.22 -42.28
C ASP B 162 -20.19 1.90 -42.57
N THR B 163 -20.84 1.29 -41.59
CA THR B 163 -22.24 0.90 -41.69
C THR B 163 -23.03 1.52 -40.54
N PRO B 164 -24.24 2.04 -40.83
CA PRO B 164 -25.13 2.66 -39.84
C PRO B 164 -25.44 1.73 -38.68
N GLY B 165 -25.46 2.29 -37.47
CA GLY B 165 -25.74 1.49 -36.29
C GLY B 165 -25.98 2.36 -35.08
N LEU B 166 -25.88 1.74 -33.90
CA LEU B 166 -26.09 2.45 -32.66
C LEU B 166 -24.82 2.41 -31.82
N LEU B 167 -24.52 3.52 -31.15
CA LEU B 167 -23.33 3.59 -30.32
C LEU B 167 -23.63 4.55 -29.18
N ALA B 168 -23.51 4.05 -27.95
CA ALA B 168 -23.76 4.84 -26.74
C ALA B 168 -22.85 4.21 -25.69
N LEU B 169 -21.69 4.82 -25.48
CA LEU B 169 -20.73 4.31 -24.51
C LEU B 169 -20.78 5.00 -23.17
N THR B 170 -19.93 4.50 -22.28
CA THR B 170 -19.79 5.03 -20.93
C THR B 170 -18.56 4.38 -20.31
N ASN B 171 -18.16 4.91 -19.16
CA ASN B 171 -17.01 4.38 -18.44
C ASN B 171 -17.68 3.82 -17.21
N HIS B 172 -17.38 2.57 -16.89
CA HIS B 172 -17.96 1.89 -15.74
C HIS B 172 -17.16 1.76 -14.46
N ALA B 173 -16.39 2.80 -14.11
CA ALA B 173 -15.60 2.73 -12.89
C ALA B 173 -16.47 2.81 -11.63
N TYR B 174 -16.10 2.04 -10.61
CA TYR B 174 -16.83 2.04 -9.34
C TYR B 174 -15.95 2.86 -8.41
N TRP B 175 -16.49 3.96 -7.91
CA TRP B 175 -15.76 4.86 -7.02
C TRP B 175 -16.04 4.72 -5.53
N ASN B 176 -14.96 4.80 -4.76
CA ASN B 176 -14.98 4.72 -3.29
C ASN B 176 -13.73 5.54 -2.99
N LEU B 177 -13.94 6.69 -2.35
CA LEU B 177 -12.84 7.58 -2.03
C LEU B 177 -12.13 7.46 -0.69
N ASP B 178 -12.54 6.52 0.16
CA ASP B 178 -11.88 6.38 1.45
C ASP B 178 -11.64 4.96 1.97
N GLY B 179 -11.98 3.96 1.16
CA GLY B 179 -11.79 2.58 1.58
C GLY B 179 -12.83 1.97 2.51
N SER B 180 -13.82 2.75 2.92
CA SER B 180 -14.85 2.22 3.80
C SER B 180 -15.58 1.05 3.15
N ASP B 181 -16.19 0.19 3.97
CA ASP B 181 -16.91 -0.97 3.46
C ASP B 181 -18.03 -0.59 2.51
N THR B 182 -18.56 0.62 2.66
CA THR B 182 -19.63 1.08 1.79
C THR B 182 -19.47 2.58 1.57
N VAL B 183 -20.13 3.09 0.53
CA VAL B 183 -20.06 4.51 0.21
C VAL B 183 -21.29 5.20 0.78
N ALA B 184 -22.03 4.49 1.60
CA ALA B 184 -23.23 5.03 2.21
C ALA B 184 -22.99 6.35 2.94
N GLU B 185 -21.77 6.54 3.44
CA GLU B 185 -21.45 7.78 4.15
C GLU B 185 -20.76 8.85 3.31
N HIS B 186 -20.62 8.58 2.02
CA HIS B 186 -20.00 9.55 1.11
C HIS B 186 -21.05 10.60 0.78
N PHE B 187 -20.62 11.80 0.45
CA PHE B 187 -21.55 12.87 0.10
C PHE B 187 -21.65 12.98 -1.42
N LEU B 188 -22.83 13.32 -1.92
CA LEU B 188 -23.02 13.46 -3.36
C LEU B 188 -23.92 14.66 -3.60
N GLU B 189 -23.54 15.49 -4.56
CA GLU B 189 -24.32 16.68 -4.92
C GLU B 189 -24.34 16.67 -6.45
N GLU B 191 -26.30 18.42 -10.23
CA GLU B 191 -27.19 19.36 -10.89
C GLU B 191 -28.16 18.56 -11.76
N ALA B 192 -29.12 17.90 -11.12
CA ALA B 192 -30.09 17.11 -11.85
C ALA B 192 -31.47 17.27 -11.24
N ASP B 193 -32.43 17.71 -12.05
CA ASP B 193 -33.80 17.92 -11.60
C ASP B 193 -34.68 16.70 -11.88
N GLU B 194 -34.22 15.80 -12.74
CA GLU B 194 -34.99 14.61 -13.08
C GLU B 194 -34.15 13.35 -13.18
N PHE B 195 -34.82 12.20 -13.21
CA PHE B 195 -34.12 10.93 -13.31
C PHE B 195 -34.95 9.97 -14.15
N VAL B 196 -34.25 9.07 -14.83
CA VAL B 196 -34.90 8.09 -15.69
C VAL B 196 -35.39 6.94 -14.82
N GLU B 197 -36.71 6.76 -14.80
CA GLU B 197 -37.32 5.69 -14.01
C GLU B 197 -37.01 4.31 -14.59
N VAL B 198 -36.87 3.32 -13.73
CA VAL B 198 -36.58 1.94 -14.14
C VAL B 198 -37.58 1.05 -13.41
N ASP B 199 -37.84 -0.14 -13.95
CA ASP B 199 -38.78 -1.07 -13.31
C ASP B 199 -38.02 -2.03 -12.40
N ASP B 200 -38.66 -3.12 -11.99
CA ASP B 200 -37.98 -4.05 -11.10
C ASP B 200 -36.93 -4.94 -11.74
N THR B 201 -36.61 -4.69 -13.00
CA THR B 201 -35.60 -5.48 -13.71
C THR B 201 -34.47 -4.48 -14.01
N PHE B 202 -34.66 -3.26 -13.50
CA PHE B 202 -33.73 -2.16 -13.68
C PHE B 202 -33.58 -1.66 -15.10
N CYS B 203 -34.67 -1.75 -15.84
CA CYS B 203 -34.70 -1.29 -17.23
C CYS B 203 -35.64 -0.10 -17.28
N PRO B 204 -35.28 0.95 -18.03
CA PRO B 204 -36.12 2.14 -18.13
C PRO B 204 -37.53 1.79 -18.62
N THR B 205 -38.52 2.49 -18.09
CA THR B 205 -39.92 2.27 -18.47
C THR B 205 -40.30 3.29 -19.52
N GLY B 206 -39.43 4.29 -19.69
CA GLY B 206 -39.68 5.33 -20.66
C GLY B 206 -40.12 6.61 -19.96
N ALA B 207 -40.40 6.52 -18.66
CA ALA B 207 -40.83 7.69 -17.92
C ALA B 207 -39.67 8.44 -17.28
N ILE B 208 -39.85 9.76 -17.17
CA ILE B 208 -38.84 10.64 -16.57
C ILE B 208 -39.54 11.19 -15.32
N ARG B 209 -38.88 11.10 -14.18
CA ARG B 209 -39.46 11.59 -12.95
C ARG B 209 -38.68 12.75 -12.34
N SER B 210 -39.39 13.58 -11.60
CA SER B 210 -38.78 14.73 -10.95
C SER B 210 -38.09 14.18 -9.71
N VAL B 211 -36.95 14.74 -9.35
CA VAL B 211 -36.22 14.27 -8.17
C VAL B 211 -36.87 14.87 -6.92
N THR B 212 -37.63 15.94 -7.12
CA THR B 212 -38.32 16.63 -6.04
C THR B 212 -39.12 15.67 -5.16
N ASP B 213 -38.85 15.74 -3.87
CA ASP B 213 -39.51 14.90 -2.88
C ASP B 213 -39.19 13.42 -2.98
N THR B 214 -38.05 13.09 -3.58
CA THR B 214 -37.64 11.70 -3.73
C THR B 214 -36.24 11.56 -3.15
N GLY B 215 -35.81 10.33 -2.91
CA GLY B 215 -34.49 10.11 -2.35
C GLY B 215 -33.39 10.44 -3.34
N PHE B 216 -33.76 10.60 -4.62
CA PHE B 216 -32.78 10.92 -5.65
C PHE B 216 -32.52 12.41 -5.84
N ASP B 217 -32.98 13.22 -4.90
CA ASP B 217 -32.74 14.65 -5.04
C ASP B 217 -31.39 14.95 -4.40
N PHE B 218 -30.35 15.09 -5.21
CA PHE B 218 -29.02 15.38 -4.67
C PHE B 218 -28.60 16.81 -4.99
N ARG B 219 -29.57 17.68 -5.30
CA ARG B 219 -29.26 19.07 -5.60
C ARG B 219 -28.60 19.78 -4.42
N SER B 220 -28.82 19.24 -3.23
CA SER B 220 -28.24 19.79 -2.02
C SER B 220 -27.38 18.62 -1.56
N GLY B 221 -26.06 18.78 -1.61
CA GLY B 221 -25.18 17.70 -1.19
C GLY B 221 -25.66 16.98 0.04
N LYS B 222 -25.72 15.64 -0.03
CA LYS B 222 -26.16 14.84 1.09
C LYS B 222 -25.52 13.45 1.02
N GLN B 223 -25.38 12.77 2.15
CA GLN B 223 -24.78 11.45 2.13
C GLN B 223 -25.66 10.50 1.33
N LEU B 224 -25.04 9.53 0.66
CA LEU B 224 -25.77 8.56 -0.15
C LEU B 224 -26.83 7.78 0.64
N LYS B 225 -26.57 7.52 1.91
CA LYS B 225 -27.53 6.78 2.74
C LYS B 225 -28.88 7.47 2.77
N GLU B 226 -28.89 8.78 2.53
CA GLU B 226 -30.14 9.53 2.52
C GLU B 226 -30.94 9.34 1.24
N SER B 227 -30.43 8.54 0.31
CA SER B 227 -31.13 8.30 -0.94
C SER B 227 -32.12 7.15 -0.76
N GLY B 228 -31.91 6.39 0.31
CA GLY B 228 -32.78 5.27 0.58
C GLY B 228 -34.00 5.71 1.37
N LYS B 229 -35.04 6.16 0.65
CA LYS B 229 -36.26 6.62 1.29
C LYS B 229 -36.79 5.45 2.13
N ASP B 230 -36.38 4.25 1.74
CA ASP B 230 -36.78 3.03 2.42
C ASP B 230 -36.31 3.05 3.87
N ALA B 231 -35.19 3.71 4.12
CA ALA B 231 -34.62 3.82 5.45
C ALA B 231 -34.24 2.44 6.02
N GLU B 232 -33.03 2.35 6.56
CA GLU B 232 -32.54 1.10 7.13
C GLU B 232 -32.65 -0.02 6.10
N GLU B 233 -31.90 0.10 5.01
CA GLU B 233 -31.91 -0.90 3.94
C GLU B 233 -30.89 -0.54 2.86
N LEU B 234 -30.38 -1.54 2.15
CA LEU B 234 -29.40 -1.31 1.08
C LEU B 234 -29.88 -0.26 0.09
N LEU B 235 -28.93 0.52 -0.43
CA LEU B 235 -29.25 1.56 -1.41
C LEU B 235 -29.41 0.89 -2.77
N ASP B 236 -30.55 1.12 -3.42
CA ASP B 236 -30.80 0.51 -4.72
C ASP B 236 -30.68 1.46 -5.91
N LEU B 237 -30.06 2.62 -5.71
CA LEU B 237 -29.90 3.58 -6.80
C LEU B 237 -29.24 2.86 -7.98
N ASP B 238 -29.83 3.01 -9.18
CA ASP B 238 -29.32 2.37 -10.40
C ASP B 238 -30.14 3.07 -11.48
N ASN B 239 -30.07 4.40 -11.49
CA ASN B 239 -30.80 5.22 -12.46
C ASN B 239 -29.98 6.32 -13.11
N ASP B 240 -30.46 6.80 -14.25
CA ASP B 240 -29.80 7.87 -14.98
C ASP B 240 -30.29 9.14 -14.29
N LEU B 241 -29.38 10.06 -13.99
CA LEU B 241 -29.75 11.33 -13.37
C LEU B 241 -29.55 12.29 -14.53
N VAL B 242 -30.64 12.91 -15.00
CA VAL B 242 -30.55 13.85 -16.12
C VAL B 242 -29.91 15.17 -15.71
N ILE B 243 -28.82 15.52 -16.38
CA ILE B 243 -28.12 16.77 -16.07
C ILE B 243 -28.86 18.04 -16.53
N THR B 244 -28.98 18.99 -15.61
CA THR B 244 -29.64 20.25 -15.90
C THR B 244 -28.51 21.10 -16.49
N LYS B 245 -28.56 21.34 -17.79
CA LYS B 245 -27.51 22.15 -18.42
C LYS B 245 -27.99 23.52 -18.85
N LYS B 246 -27.27 24.55 -18.42
CA LYS B 246 -27.60 25.93 -18.75
C LYS B 246 -26.89 26.29 -20.06
N THR B 247 -27.48 27.20 -20.82
CA THR B 247 -26.89 27.63 -22.09
C THR B 247 -25.59 28.40 -21.85
N PRO B 248 -25.62 29.40 -20.96
CA PRO B 248 -24.42 30.20 -20.67
C PRO B 248 -23.32 29.41 -19.96
N SER B 253 -19.80 23.23 -16.84
CA SER B 253 -19.44 23.43 -15.44
C SER B 253 -19.64 22.11 -14.68
N THR B 254 -19.29 22.11 -13.40
CA THR B 254 -19.43 20.93 -12.56
C THR B 254 -20.88 20.48 -12.45
N TYR B 255 -21.13 19.22 -12.80
CA TYR B 255 -22.48 18.65 -12.73
C TYR B 255 -22.64 17.69 -11.58
N LEU B 256 -21.53 17.15 -11.09
CA LEU B 256 -21.55 16.20 -9.99
C LEU B 256 -20.34 16.37 -9.08
N ARG B 257 -20.57 16.25 -7.77
CA ARG B 257 -19.51 16.38 -6.77
C ARG B 257 -19.70 15.18 -5.84
N PHE B 258 -18.64 14.42 -5.63
CA PHE B 258 -18.70 13.25 -4.77
C PHE B 258 -17.52 13.37 -3.81
N TRP B 259 -17.78 13.28 -2.51
CA TRP B 259 -16.66 13.40 -1.57
C TRP B 259 -16.84 12.63 -0.27
N SER B 260 -15.71 12.45 0.41
CA SER B 260 -15.66 11.74 1.69
C SER B 260 -14.99 12.65 2.71
N GLU B 261 -15.64 12.90 3.83
CA GLU B 261 -15.04 13.75 4.86
C GLU B 261 -13.93 12.98 5.54
N LYS B 262 -13.98 11.66 5.46
CA LYS B 262 -12.98 10.81 6.06
C LYS B 262 -11.62 10.94 5.38
N SER B 263 -11.59 10.86 4.06
CA SER B 263 -10.35 10.99 3.31
C SER B 263 -10.10 12.43 2.89
N GLY B 264 -11.16 13.23 2.87
CA GLY B 264 -11.04 14.62 2.48
C GLY B 264 -10.88 14.75 0.97
N ILE B 265 -11.13 13.66 0.26
CA ILE B 265 -11.00 13.65 -1.20
C ILE B 265 -12.35 13.95 -1.87
N GLU B 266 -12.30 14.81 -2.86
CA GLU B 266 -13.49 15.20 -3.60
C GLU B 266 -13.26 15.03 -5.08
N LEU B 267 -14.28 14.49 -5.75
CA LEU B 267 -14.26 14.25 -7.18
C LEU B 267 -15.39 15.10 -7.78
N SER B 268 -15.06 15.88 -8.82
CA SER B 268 -16.02 16.73 -9.50
C SER B 268 -16.03 16.27 -10.95
N ILE B 269 -17.20 16.30 -11.59
CA ILE B 269 -17.33 15.89 -12.97
C ILE B 269 -18.15 16.80 -13.86
N THR B 270 -17.66 16.98 -15.08
CA THR B 270 -18.33 17.79 -16.08
C THR B 270 -18.26 16.85 -17.27
N THR B 271 -19.30 16.80 -18.09
CA THR B 271 -19.29 15.89 -19.22
C THR B 271 -20.18 16.36 -20.34
N SER B 272 -19.89 15.84 -21.52
CA SER B 272 -20.64 16.17 -22.73
C SER B 272 -21.93 15.37 -22.76
N TYR B 273 -21.91 14.19 -22.10
CA TYR B 273 -23.08 13.34 -22.06
C TYR B 273 -24.25 14.03 -21.35
N PRO B 274 -25.49 13.68 -21.74
CA PRO B 274 -26.70 14.26 -21.16
C PRO B 274 -27.09 13.77 -19.78
N VAL B 275 -26.69 12.55 -19.43
CA VAL B 275 -27.03 12.04 -18.11
C VAL B 275 -25.86 11.34 -17.47
N ILE B 276 -26.00 11.08 -16.17
CA ILE B 276 -24.96 10.38 -15.45
C ILE B 276 -25.72 9.26 -14.74
N HIS B 277 -25.49 8.03 -15.18
CA HIS B 277 -26.17 6.90 -14.55
C HIS B 277 -25.40 6.58 -13.28
N LEU B 278 -26.14 6.41 -12.19
CA LEU B 278 -25.54 6.10 -10.90
C LEU B 278 -26.10 4.80 -10.35
N TYR B 279 -25.23 3.94 -9.83
CA TYR B 279 -25.67 2.67 -9.25
C TYR B 279 -24.75 2.37 -8.09
N ALA B 280 -25.38 2.28 -6.92
CA ALA B 280 -24.69 2.02 -5.66
C ALA B 280 -24.25 0.60 -5.36
N SER B 281 -23.89 -0.16 -6.37
CA SER B 281 -23.42 -1.54 -6.19
C SER B 281 -24.22 -2.45 -5.26
N LYS B 282 -25.53 -2.28 -5.18
CA LYS B 282 -26.32 -3.14 -4.31
C LYS B 282 -26.09 -4.62 -4.56
N PHE B 283 -25.87 -5.00 -5.82
CA PHE B 283 -25.65 -6.41 -6.15
C PHE B 283 -24.21 -6.79 -6.47
N LEU B 284 -23.27 -5.98 -6.02
CA LEU B 284 -21.87 -6.27 -6.26
C LEU B 284 -21.40 -7.28 -5.20
N ASP B 285 -20.59 -8.24 -5.62
CA ASP B 285 -20.07 -9.26 -4.70
C ASP B 285 -18.93 -10.04 -5.36
N CYS B 286 -17.70 -9.67 -5.04
CA CYS B 286 -16.53 -10.34 -5.60
C CYS B 286 -15.28 -10.04 -4.77
N LYS B 287 -14.16 -10.66 -5.14
CA LYS B 287 -12.90 -10.46 -4.43
C LYS B 287 -12.10 -9.42 -5.20
N GLY B 288 -11.88 -8.27 -4.56
CA GLY B 288 -11.13 -7.21 -5.21
C GLY B 288 -9.71 -7.00 -4.72
N LYS B 289 -9.15 -5.84 -5.07
CA LYS B 289 -7.79 -5.46 -4.71
C LYS B 289 -7.41 -5.82 -3.28
N LYS B 290 -6.17 -6.23 -3.09
CA LYS B 290 -5.64 -6.63 -1.78
C LYS B 290 -6.52 -7.71 -1.17
N GLY B 291 -7.22 -8.43 -2.04
CA GLY B 291 -8.09 -9.50 -1.58
C GLY B 291 -9.31 -9.05 -0.81
N GLU B 292 -9.66 -7.77 -0.87
CA GLU B 292 -10.83 -7.30 -0.14
C GLU B 292 -12.10 -7.92 -0.73
N HIS B 293 -13.10 -8.11 0.12
CA HIS B 293 -14.36 -8.69 -0.30
C HIS B 293 -15.36 -7.55 -0.49
N TYR B 294 -15.61 -7.19 -1.75
CA TYR B 294 -16.54 -6.13 -2.06
C TYR B 294 -17.96 -6.65 -1.87
N LYS B 295 -18.74 -5.96 -1.05
CA LYS B 295 -20.11 -6.37 -0.80
C LYS B 295 -21.10 -5.32 -1.28
N ALA B 296 -22.36 -5.47 -0.89
CA ALA B 296 -23.41 -4.54 -1.29
C ALA B 296 -23.09 -3.11 -0.89
N ASN B 297 -23.18 -2.20 -1.86
CA ASN B 297 -22.92 -0.78 -1.64
C ASN B 297 -21.46 -0.42 -1.37
N LYS B 298 -20.53 -1.25 -1.84
CA LYS B 298 -19.10 -0.99 -1.64
C LYS B 298 -18.63 0.27 -2.36
N ALA B 299 -19.24 0.56 -3.50
CA ALA B 299 -18.85 1.74 -4.25
C ALA B 299 -19.98 2.30 -5.08
N LEU B 300 -19.73 3.44 -5.71
CA LEU B 300 -20.74 4.08 -6.54
C LEU B 300 -20.21 4.09 -7.96
N ALA B 301 -20.84 3.34 -8.85
CA ALA B 301 -20.37 3.34 -10.23
C ALA B 301 -20.95 4.63 -10.81
N ILE B 302 -20.10 5.41 -11.45
CA ILE B 302 -20.52 6.69 -12.05
C ILE B 302 -20.32 6.56 -13.55
N GLU B 303 -21.43 6.52 -14.28
CA GLU B 303 -21.36 6.39 -15.73
C GLU B 303 -22.04 7.44 -16.58
N PRO B 304 -21.25 8.44 -17.01
CA PRO B 304 -21.76 9.53 -17.87
C PRO B 304 -22.14 8.82 -19.16
N GLN B 305 -23.34 9.06 -19.66
CA GLN B 305 -23.80 8.42 -20.89
C GLN B 305 -25.06 9.06 -21.45
N PHE B 306 -25.55 8.46 -22.53
CA PHE B 306 -26.78 8.93 -23.18
C PHE B 306 -27.83 8.13 -22.40
N HIS B 307 -29.09 8.57 -22.42
CA HIS B 307 -30.14 7.88 -21.70
C HIS B 307 -30.17 6.36 -21.89
N SER B 308 -30.37 5.63 -20.78
CA SER B 308 -30.44 4.17 -20.83
C SER B 308 -31.64 3.82 -21.69
N ALA B 309 -31.53 2.73 -22.45
CA ALA B 309 -32.61 2.28 -23.32
C ALA B 309 -33.01 3.28 -24.41
N ALA B 310 -32.10 4.17 -24.78
CA ALA B 310 -32.42 5.16 -25.81
C ALA B 310 -32.89 4.46 -27.11
N PRO B 311 -32.26 3.32 -27.49
CA PRO B 311 -32.66 2.61 -28.71
C PRO B 311 -34.11 2.13 -28.73
N ASN B 312 -34.74 2.05 -27.56
CA ASN B 312 -36.12 1.58 -27.46
C ASN B 312 -37.17 2.66 -27.23
N PHE B 313 -36.73 3.89 -26.94
CA PHE B 313 -37.64 4.99 -26.71
C PHE B 313 -37.28 6.16 -27.60
N ASP B 314 -38.14 6.46 -28.57
CA ASP B 314 -37.88 7.55 -29.50
C ASP B 314 -37.82 8.96 -28.93
N HIS B 315 -38.29 9.16 -27.70
CA HIS B 315 -38.25 10.51 -27.11
C HIS B 315 -36.93 10.70 -26.37
N PHE B 316 -36.11 9.64 -26.33
CA PHE B 316 -34.80 9.71 -25.68
C PHE B 316 -33.85 10.08 -26.80
N PRO B 317 -32.64 10.55 -26.47
CA PRO B 317 -31.69 10.94 -27.52
C PRO B 317 -31.43 9.87 -28.57
N ASP B 318 -31.26 10.31 -29.83
CA ASP B 318 -31.00 9.41 -30.95
C ASP B 318 -29.51 9.09 -30.80
N VAL B 319 -29.18 7.81 -30.60
CA VAL B 319 -27.78 7.44 -30.45
C VAL B 319 -27.25 6.69 -31.67
N SER B 320 -27.87 6.91 -32.82
CA SER B 320 -27.40 6.22 -34.01
C SER B 320 -26.07 6.84 -34.40
N LEU B 321 -25.25 6.07 -35.08
CA LEU B 321 -23.95 6.51 -35.53
C LEU B 321 -23.99 6.12 -37.00
N ARG B 322 -23.81 7.09 -37.89
CA ARG B 322 -23.85 6.82 -39.33
C ARG B 322 -22.59 7.24 -40.06
N PRO B 323 -22.29 6.58 -41.19
CA PRO B 323 -21.10 6.87 -41.99
C PRO B 323 -20.93 8.36 -42.25
N GLY B 324 -19.71 8.85 -42.03
CA GLY B 324 -19.42 10.26 -42.24
C GLY B 324 -19.40 11.03 -40.94
N ASP B 325 -20.22 10.60 -39.98
CA ASP B 325 -20.30 11.25 -38.69
C ASP B 325 -19.19 10.83 -37.74
N HIS B 326 -18.97 11.65 -36.71
CA HIS B 326 -17.95 11.36 -35.72
C HIS B 326 -18.53 11.38 -34.32
N TYR B 327 -18.49 10.24 -33.64
CA TYR B 327 -19.01 10.16 -32.28
C TYR B 327 -17.90 10.85 -31.47
N CYS B 328 -18.26 11.86 -30.69
CA CYS B 328 -17.28 12.57 -29.87
C CYS B 328 -17.90 13.03 -28.55
N GLN B 329 -17.42 12.44 -27.45
CA GLN B 329 -17.93 12.80 -26.11
C GLN B 329 -16.78 12.80 -25.12
N GLU B 330 -16.93 13.53 -24.02
CA GLU B 330 -15.85 13.56 -23.04
C GLU B 330 -16.37 13.64 -21.61
N ILE B 331 -15.53 13.21 -20.69
CA ILE B 331 -15.85 13.22 -19.27
C ILE B 331 -14.59 13.73 -18.61
N VAL B 332 -14.73 14.74 -17.75
CA VAL B 332 -13.57 15.30 -17.06
C VAL B 332 -13.75 15.13 -15.56
N TYR B 333 -12.85 14.37 -14.95
CA TYR B 333 -12.90 14.13 -13.51
C TYR B 333 -11.83 14.98 -12.87
N THR B 334 -12.21 15.84 -11.91
CA THR B 334 -11.25 16.69 -11.24
C THR B 334 -11.18 16.26 -9.78
N PHE B 335 -9.97 16.00 -9.32
CA PHE B 335 -9.74 15.57 -7.95
C PHE B 335 -9.16 16.69 -7.10
N SER B 336 -9.70 16.86 -5.91
CA SER B 336 -9.24 17.90 -5.02
C SER B 336 -9.51 17.47 -3.59
N HIS B 337 -9.32 18.39 -2.67
CA HIS B 337 -9.57 18.10 -1.26
C HIS B 337 -10.65 19.01 -0.71
N VAL B 338 -11.43 18.46 0.21
CA VAL B 338 -12.52 19.18 0.85
C VAL B 338 -11.97 20.40 1.56
N ASN B 339 -12.52 21.57 1.23
CA ASN B 339 -12.11 22.85 1.80
C ASN B 339 -10.70 23.30 1.40
#